data_8EZ2
#
_entry.id   8EZ2
#
_cell.length_a   74.996
_cell.length_b   108.318
_cell.length_c   117.486
_cell.angle_alpha   90.000
_cell.angle_beta   90.000
_cell.angle_gamma   90.000
#
_symmetry.space_group_name_H-M   'P 21 21 21'
#
loop_
_entity.id
_entity.type
_entity.pdbx_description
1 polymer 'M1 family aminopeptidase'
2 non-polymer GLYCEROL
3 non-polymer 'DIMETHYL SULFOXIDE'
4 non-polymer N-[(1R)-1-(4-bromophenyl)-2-(hydroxyamino)-2-oxoethyl]-N~2~-(3-fluorophenyl)glycinamide
5 non-polymer 'ZINC ION'
6 non-polymer 'MAGNESIUM ION'
7 water water
#
_entity_poly.entity_id   1
_entity_poly.type   'polypeptide(L)'
_entity_poly.pdbx_seq_one_letter_code
;MEPKIHYRKDYKPSGFIINQVTLNINIHDQETIVRSVLDMDISKHNVGEDLVFDGVGLKINEISINNKKLVEGEEYTYDN
EFLTIFSKFVPKSKFAFSSEVIIHPETNYALTGLYKSKNIIVSQCEATGFRRITFFIDRPDMMAKYDVTVTADKEKYPVL
LSNGDKVNEFEIPGGRHGARFNDPPLKPCYLFAVVAGDLKHLSATYITKYTKKKVELYVFSEEKYVSKLQWALECLKKSM
AFDEDYFGLEYDLSRLNLVAVSDFNVGAMENKGLNIFNANSLLASKKNSIDFSYARILTVVGHEYFHQYTGNRVTLRDWF
QLTLKEGLTVHRENLFSEEMTKTVTTRLSHVDLLRSVQFLEDSSPLSHPIRPESYVSMENFYTTTVYDKGSEVMRMYLTI
LGEEYYKKGFDIYIKKNDGNTATCEDFNYAMEQAYKMKKADNSANLNQYLLWFSQSGTPHVSFKYNYDAEKKQYSIHVNQ
YTKPDENQKEKKPLFIPISVGLINPENGKEMISQTTLELTKESDTFVFNNIAVKPIPSLFRGFSAPVYIEDQLTDEERIL
LLKYDSDAFVRYNSCTNIYMKQILMNYNEFLKAKNEKLESFQLTPVNAQFIDAIKYLLEDPHADAGFKSYIVSLPQDRYI
INFVSNLDTDVLADTKEYIYKQIGDKLNDVYYKMFKSLEAKADDLTYFNDESHVDFDQMNMRTLRNTLLSLLSKAQYPNI
LNEIIEHSKSPYPSNWLTSLSVSAYFDKYFELYDKTYKLSKDDELLLQEWLKTVSRSDRKDIYEILKKLENEVLKDSKNP
NDIRAVYLPFTNNLRRFHDISGKGYKLIAEVITKTDKFNPMVATQLCEPFKLWNKLDTKRQELMLNEMNTMLQEPQISNN
LKEYLLRLTNKLHHHHHH
;
_entity_poly.pdbx_strand_id   A
#
# COMPACT_ATOMS: atom_id res chain seq x y z
N GLU A 2 8.97 -1.40 -30.52
CA GLU A 2 9.65 -2.49 -29.83
C GLU A 2 9.94 -2.10 -28.38
N PRO A 3 8.91 -2.19 -27.53
CA PRO A 3 9.04 -1.66 -26.17
C PRO A 3 9.95 -2.48 -25.26
N LYS A 4 10.15 -3.77 -25.56
CA LYS A 4 10.92 -4.74 -24.78
C LYS A 4 10.12 -5.32 -23.62
N ILE A 5 9.61 -6.54 -23.82
CA ILE A 5 8.89 -7.25 -22.77
C ILE A 5 9.88 -8.19 -22.07
N HIS A 6 9.92 -8.10 -20.75
CA HIS A 6 10.70 -9.04 -19.95
C HIS A 6 9.78 -10.16 -19.49
N TYR A 7 10.23 -11.40 -19.65
CA TYR A 7 9.44 -12.58 -19.35
C TYR A 7 10.05 -13.31 -18.16
N ARG A 8 9.20 -13.67 -17.19
CA ARG A 8 9.67 -14.40 -16.01
C ARG A 8 10.47 -15.63 -16.39
N LYS A 9 9.98 -16.41 -17.37
CA LYS A 9 10.63 -17.67 -17.65
C LYS A 9 11.98 -17.48 -18.33
N ASP A 10 12.29 -16.26 -18.76
CA ASP A 10 13.54 -16.00 -19.47
C ASP A 10 14.72 -15.73 -18.56
N TYR A 11 14.54 -15.82 -17.24
CA TYR A 11 15.60 -15.43 -16.33
C TYR A 11 16.88 -16.19 -16.63
N LYS A 12 18.01 -15.49 -16.69
CA LYS A 12 19.27 -16.21 -16.75
C LYS A 12 20.30 -15.38 -15.99
N PRO A 13 21.23 -16.02 -15.31
CA PRO A 13 22.29 -15.26 -14.64
C PRO A 13 23.15 -14.51 -15.65
N SER A 14 23.63 -13.34 -15.23
CA SER A 14 24.51 -12.52 -16.07
C SER A 14 25.78 -13.27 -16.42
N GLY A 15 26.32 -12.96 -17.59
CA GLY A 15 27.67 -13.41 -17.94
C GLY A 15 28.78 -12.60 -17.27
N PHE A 16 28.43 -11.65 -16.40
CA PHE A 16 29.43 -10.86 -15.70
C PHE A 16 29.12 -10.88 -14.21
N ILE A 17 30.12 -10.44 -13.45
CA ILE A 17 30.08 -10.33 -12.01
C ILE A 17 30.63 -8.96 -11.65
N ILE A 18 29.96 -8.28 -10.74
CA ILE A 18 30.45 -7.04 -10.16
C ILE A 18 30.73 -7.34 -8.70
N ASN A 19 32.00 -7.30 -8.32
CA ASN A 19 32.36 -7.65 -6.96
C ASN A 19 32.45 -6.46 -6.06
N GLN A 20 32.92 -5.33 -6.60
CA GLN A 20 33.12 -4.17 -5.76
C GLN A 20 32.71 -2.92 -6.53
N VAL A 21 32.02 -2.03 -5.84
CA VAL A 21 31.66 -0.71 -6.36
C VAL A 21 32.37 0.31 -5.52
N THR A 22 33.12 1.20 -6.17
CA THR A 22 33.73 2.31 -5.47
C THR A 22 33.23 3.59 -6.08
N LEU A 23 32.46 4.36 -5.31
CA LEU A 23 31.81 5.53 -5.84
C LEU A 23 32.42 6.78 -5.23
N ASN A 24 32.54 7.81 -6.04
CA ASN A 24 32.81 9.17 -5.58
C ASN A 24 31.71 10.04 -6.16
N ILE A 25 30.85 10.57 -5.30
CA ILE A 25 29.72 11.38 -5.72
C ILE A 25 30.01 12.81 -5.28
N ASN A 26 30.29 13.69 -6.23
CA ASN A 26 30.69 15.06 -5.90
C ASN A 26 29.56 15.99 -6.29
N ILE A 27 28.89 16.51 -5.27
CA ILE A 27 27.71 17.34 -5.47
C ILE A 27 28.13 18.79 -5.61
N HIS A 28 27.82 19.39 -6.76
CA HIS A 28 28.07 20.80 -7.01
C HIS A 28 26.76 21.53 -7.29
N ASP A 29 26.85 22.86 -7.38
CA ASP A 29 25.64 23.68 -7.47
C ASP A 29 24.84 23.38 -8.73
N GLN A 30 25.52 23.24 -9.88
CA GLN A 30 24.85 23.04 -11.16
C GLN A 30 24.86 21.61 -11.65
N GLU A 31 25.61 20.72 -11.03
CA GLU A 31 25.69 19.34 -11.51
C GLU A 31 26.31 18.50 -10.41
N THR A 32 26.14 17.19 -10.55
CA THR A 32 26.83 16.24 -9.68
C THR A 32 27.69 15.33 -10.54
N ILE A 33 28.94 15.16 -10.14
CA ILE A 33 29.91 14.32 -10.82
C ILE A 33 29.96 12.99 -10.11
N VAL A 34 29.75 11.89 -10.84
CA VAL A 34 29.80 10.56 -10.26
C VAL A 34 30.95 9.81 -10.92
N ARG A 35 31.97 9.49 -10.14
CA ARG A 35 33.06 8.62 -10.57
C ARG A 35 32.81 7.23 -9.98
N SER A 36 32.97 6.19 -10.79
CA SER A 36 32.66 4.85 -10.33
C SER A 36 33.68 3.85 -10.85
N VAL A 37 34.24 3.05 -9.97
CA VAL A 37 35.11 1.94 -10.38
C VAL A 37 34.36 0.67 -10.01
N LEU A 38 34.12 -0.17 -11.01
CA LEU A 38 33.50 -1.46 -10.82
C LEU A 38 34.58 -2.51 -10.95
N ASP A 39 34.82 -3.27 -9.89
CA ASP A 39 35.75 -4.39 -9.96
C ASP A 39 34.95 -5.56 -10.45
N MET A 40 35.22 -6.01 -11.67
CA MET A 40 34.34 -7.02 -12.23
C MET A 40 35.09 -8.28 -12.63
N ASP A 41 34.29 -9.27 -12.99
CA ASP A 41 34.81 -10.55 -13.44
C ASP A 41 33.89 -11.10 -14.52
N ILE A 42 34.31 -12.20 -15.10
CA ILE A 42 33.54 -12.94 -16.08
C ILE A 42 32.91 -14.12 -15.37
N SER A 43 31.60 -14.32 -15.54
CA SER A 43 30.95 -15.44 -14.84
C SER A 43 31.01 -16.71 -15.68
N LYS A 44 30.63 -17.83 -15.05
CA LYS A 44 30.61 -19.12 -15.73
C LYS A 44 29.54 -19.16 -16.82
N HIS A 45 28.59 -18.24 -16.78
CA HIS A 45 27.55 -18.17 -17.78
C HIS A 45 27.94 -17.34 -18.99
N ASN A 46 29.14 -16.77 -19.00
CA ASN A 46 29.52 -15.88 -20.08
C ASN A 46 29.71 -16.65 -21.38
N VAL A 47 29.25 -16.08 -22.50
CA VAL A 47 29.38 -16.73 -23.81
C VAL A 47 29.96 -15.76 -24.82
N GLY A 48 30.81 -14.85 -24.36
CA GLY A 48 31.48 -13.93 -25.25
C GLY A 48 30.70 -12.70 -25.63
N GLU A 49 29.59 -12.41 -24.95
CA GLU A 49 28.74 -11.28 -25.30
C GLU A 49 29.43 -9.95 -25.01
N ASP A 50 28.95 -8.92 -25.71
CA ASP A 50 29.25 -7.54 -25.34
C ASP A 50 28.95 -7.31 -23.87
N LEU A 51 29.71 -6.39 -23.26
CA LEU A 51 29.42 -5.90 -21.92
C LEU A 51 28.44 -4.73 -22.05
N VAL A 52 27.20 -4.94 -21.58
CA VAL A 52 26.14 -3.94 -21.65
C VAL A 52 25.78 -3.49 -20.25
N PHE A 53 25.96 -2.20 -19.99
CA PHE A 53 25.54 -1.58 -18.75
C PHE A 53 24.25 -0.81 -18.98
N ASP A 54 23.37 -0.87 -17.99
CA ASP A 54 22.31 0.12 -17.87
C ASP A 54 22.89 1.47 -17.49
N GLY A 55 22.39 2.51 -18.15
CA GLY A 55 22.80 3.85 -17.79
C GLY A 55 21.86 4.81 -18.47
N VAL A 56 20.99 5.47 -17.70
CA VAL A 56 19.90 6.25 -18.28
C VAL A 56 20.15 7.73 -17.98
N GLY A 57 20.22 8.54 -19.04
CA GLY A 57 20.37 9.97 -18.85
C GLY A 57 21.72 10.42 -18.34
N LEU A 58 22.75 9.60 -18.50
CA LEU A 58 24.06 9.96 -17.98
C LEU A 58 24.86 10.72 -19.04
N LYS A 59 25.60 11.73 -18.61
CA LYS A 59 26.51 12.45 -19.49
C LYS A 59 27.90 11.86 -19.26
N ILE A 60 28.45 11.21 -20.27
CA ILE A 60 29.75 10.56 -20.11
C ILE A 60 30.87 11.59 -20.21
N ASN A 61 31.69 11.67 -19.17
CA ASN A 61 32.94 12.41 -19.31
C ASN A 61 34.02 11.49 -19.85
N GLU A 62 34.10 10.27 -19.31
CA GLU A 62 35.04 9.29 -19.83
C GLU A 62 34.67 7.95 -19.24
N ILE A 63 35.04 6.89 -19.97
CA ILE A 63 34.93 5.54 -19.47
C ILE A 63 36.24 4.82 -19.80
N SER A 64 36.57 3.84 -18.96
CA SER A 64 37.87 3.17 -19.01
C SER A 64 37.71 1.74 -18.58
N ILE A 65 38.61 0.89 -19.08
CA ILE A 65 38.76 -0.49 -18.63
C ILE A 65 40.23 -0.66 -18.26
N ASN A 66 40.49 -1.01 -17.01
CA ASN A 66 41.86 -1.14 -16.50
C ASN A 66 42.65 0.14 -16.75
N ASN A 67 42.00 1.29 -16.50
CA ASN A 67 42.62 2.61 -16.57
C ASN A 67 43.04 3.01 -17.98
N LYS A 68 42.55 2.33 -19.01
CA LYS A 68 42.70 2.79 -20.39
C LYS A 68 41.38 3.38 -20.87
N LYS A 69 41.38 4.63 -21.33
CA LYS A 69 40.14 5.27 -21.81
C LYS A 69 39.64 4.54 -23.03
N LEU A 70 38.34 4.26 -23.06
CA LEU A 70 37.70 3.68 -24.21
C LEU A 70 37.30 4.78 -25.17
N VAL A 71 37.31 4.46 -26.46
CA VAL A 71 37.02 5.45 -27.49
C VAL A 71 35.61 5.21 -27.95
N GLU A 72 34.79 6.26 -27.93
CA GLU A 72 33.41 6.15 -28.35
C GLU A 72 33.30 5.75 -29.81
N GLY A 73 32.33 4.91 -30.13
CA GLY A 73 32.11 4.46 -31.50
C GLY A 73 32.89 3.22 -31.91
N GLU A 74 34.19 3.22 -31.64
CA GLU A 74 35.02 2.07 -31.97
C GLU A 74 34.99 0.99 -30.90
N GLU A 75 35.00 1.38 -29.61
CA GLU A 75 35.02 0.43 -28.52
C GLU A 75 33.75 0.42 -27.69
N TYR A 76 32.97 1.49 -27.72
CA TYR A 76 31.68 1.47 -27.06
C TYR A 76 30.72 2.40 -27.78
N THR A 77 29.43 2.10 -27.63
CA THR A 77 28.35 2.98 -28.00
C THR A 77 27.48 3.23 -26.78
N TYR A 78 26.89 4.43 -26.74
CA TYR A 78 25.94 4.79 -25.68
C TYR A 78 24.76 5.51 -26.32
N ASP A 79 23.56 5.09 -25.96
CA ASP A 79 22.34 5.61 -26.57
C ASP A 79 21.42 6.25 -25.54
N ASN A 80 21.99 6.70 -24.42
CA ASN A 80 21.29 7.31 -23.27
C ASN A 80 20.49 6.31 -22.47
N GLU A 81 20.57 5.03 -22.79
CA GLU A 81 19.92 4.06 -21.92
C GLU A 81 20.76 2.81 -21.71
N PHE A 82 21.57 2.41 -22.68
CA PHE A 82 22.50 1.29 -22.56
C PHE A 82 23.87 1.74 -23.01
N LEU A 83 24.88 1.36 -22.23
CA LEU A 83 26.26 1.51 -22.65
C LEU A 83 26.75 0.13 -23.08
N THR A 84 27.17 0.01 -24.34
CA THR A 84 27.63 -1.25 -24.91
C THR A 84 29.12 -1.15 -25.17
N ILE A 85 29.90 -2.00 -24.50
CA ILE A 85 31.32 -2.17 -24.81
C ILE A 85 31.46 -3.45 -25.62
N PHE A 86 32.01 -3.34 -26.83
CA PHE A 86 32.07 -4.49 -27.72
C PHE A 86 32.99 -5.54 -27.14
N SER A 87 32.57 -6.81 -27.24
CA SER A 87 33.22 -7.86 -26.46
C SER A 87 34.72 -7.92 -26.72
N LYS A 88 35.17 -7.63 -27.94
CA LYS A 88 36.60 -7.73 -28.25
C LYS A 88 37.44 -6.80 -27.38
N PHE A 89 36.82 -5.78 -26.78
CA PHE A 89 37.54 -4.90 -25.87
C PHE A 89 37.28 -5.23 -24.42
N VAL A 90 36.54 -6.30 -24.14
CA VAL A 90 36.19 -6.68 -22.78
C VAL A 90 37.21 -7.72 -22.32
N PRO A 91 37.83 -7.55 -21.14
CA PRO A 91 38.84 -8.51 -20.69
C PRO A 91 38.25 -9.87 -20.38
N LYS A 92 39.10 -10.90 -20.37
CA LYS A 92 38.67 -12.27 -20.14
C LYS A 92 38.83 -12.71 -18.69
N SER A 93 39.36 -11.86 -17.81
CA SER A 93 39.48 -12.18 -16.40
C SER A 93 39.14 -10.93 -15.60
N LYS A 94 39.32 -10.98 -14.27
CA LYS A 94 38.99 -9.83 -13.43
C LYS A 94 39.56 -8.54 -14.01
N PHE A 95 38.70 -7.53 -14.06
CA PHE A 95 39.04 -6.25 -14.65
C PHE A 95 38.30 -5.15 -13.91
N ALA A 96 38.81 -3.93 -14.05
CA ALA A 96 38.19 -2.75 -13.46
C ALA A 96 37.51 -1.96 -14.57
N PHE A 97 36.22 -1.71 -14.42
CA PHE A 97 35.56 -0.75 -15.29
C PHE A 97 35.39 0.56 -14.53
N SER A 98 35.73 1.67 -15.16
CA SER A 98 35.57 2.95 -14.48
C SER A 98 34.89 3.96 -15.40
N SER A 99 34.23 4.92 -14.77
CA SER A 99 33.54 5.93 -15.54
C SER A 99 33.37 7.16 -14.68
N GLU A 100 33.23 8.29 -15.36
CA GLU A 100 32.88 9.55 -14.74
C GLU A 100 31.73 10.11 -15.56
N VAL A 101 30.62 10.37 -14.89
CA VAL A 101 29.44 10.87 -15.59
C VAL A 101 28.94 12.08 -14.83
N ILE A 102 28.12 12.86 -15.52
CA ILE A 102 27.50 14.03 -14.92
C ILE A 102 26.00 13.79 -14.88
N ILE A 103 25.39 14.07 -13.73
CA ILE A 103 23.95 14.01 -13.56
C ILE A 103 23.52 15.32 -12.90
N HIS A 104 22.21 15.54 -12.84
CA HIS A 104 21.66 16.84 -12.45
C HIS A 104 20.50 16.66 -11.49
N PRO A 105 20.78 16.35 -10.23
CA PRO A 105 19.68 16.14 -9.27
C PRO A 105 18.72 17.32 -9.17
N GLU A 106 19.22 18.54 -9.36
CA GLU A 106 18.38 19.73 -9.21
C GLU A 106 17.17 19.71 -10.14
N THR A 107 17.33 19.16 -11.34
CA THR A 107 16.24 19.14 -12.31
C THR A 107 15.63 17.75 -12.47
N ASN A 108 15.93 16.84 -11.55
CA ASN A 108 15.38 15.49 -11.62
C ASN A 108 14.03 15.45 -10.90
N TYR A 109 12.97 15.79 -11.63
CA TYR A 109 11.62 15.86 -11.06
C TYR A 109 10.87 14.54 -11.08
N ALA A 110 11.45 13.50 -11.69
CA ALA A 110 10.85 12.18 -11.63
C ALA A 110 11.10 11.50 -10.29
N LEU A 111 12.06 12.00 -9.49
CA LEU A 111 12.28 11.48 -8.14
C LEU A 111 12.72 10.02 -8.18
N THR A 112 13.52 9.67 -9.19
CA THR A 112 14.17 8.38 -9.22
C THR A 112 15.61 8.61 -9.66
N GLY A 113 16.53 7.83 -9.10
CA GLY A 113 17.93 8.15 -9.26
C GLY A 113 18.35 9.13 -8.16
N LEU A 114 19.18 10.10 -8.48
CA LEU A 114 19.61 11.09 -7.50
C LEU A 114 18.83 12.38 -7.75
N TYR A 115 18.17 12.89 -6.71
CA TYR A 115 17.37 14.07 -6.96
C TYR A 115 17.41 14.99 -5.75
N LYS A 116 16.91 16.19 -5.97
CA LYS A 116 16.87 17.22 -4.94
C LYS A 116 15.44 17.36 -4.45
N SER A 117 15.24 17.23 -3.14
CA SER A 117 13.93 17.45 -2.54
C SER A 117 14.09 18.62 -1.59
N LYS A 118 13.53 19.78 -1.98
CA LYS A 118 13.73 21.02 -1.24
C LYS A 118 15.23 21.24 -1.15
N ASN A 119 15.83 21.24 0.04
CA ASN A 119 17.27 21.46 0.15
C ASN A 119 18.03 20.18 0.47
N ILE A 120 17.41 19.03 0.23
CA ILE A 120 18.01 17.72 0.52
C ILE A 120 18.28 17.02 -0.80
N ILE A 121 19.51 16.53 -0.97
CA ILE A 121 19.87 15.64 -2.07
C ILE A 121 19.60 14.22 -1.61
N VAL A 122 18.91 13.43 -2.43
CA VAL A 122 18.49 12.13 -1.93
C VAL A 122 18.38 11.20 -3.13
N SER A 123 18.61 9.91 -2.90
CA SER A 123 18.46 8.92 -3.96
C SER A 123 17.22 8.05 -3.78
N GLN A 124 16.76 7.50 -4.89
CA GLN A 124 15.73 6.46 -4.88
C GLN A 124 16.11 5.49 -5.98
N CYS A 125 16.55 4.30 -5.59
CA CYS A 125 17.10 3.39 -6.59
C CYS A 125 16.16 2.25 -6.95
N GLU A 126 15.31 1.81 -6.03
CA GLU A 126 14.34 0.81 -6.46
C GLU A 126 13.31 1.43 -7.42
N ALA A 127 13.01 0.73 -8.52
CA ALA A 127 13.58 -0.52 -8.97
C ALA A 127 14.76 -0.31 -9.90
N THR A 128 14.65 0.68 -10.80
CA THR A 128 15.62 0.92 -11.86
C THR A 128 16.26 2.31 -11.74
N GLY A 129 16.42 2.81 -10.52
CA GLY A 129 16.98 4.13 -10.33
C GLY A 129 18.50 4.17 -10.25
N PHE A 130 19.16 3.06 -9.89
CA PHE A 130 20.62 3.12 -9.76
C PHE A 130 21.29 3.44 -11.10
N ARG A 131 20.74 2.93 -12.21
CA ARG A 131 21.28 3.24 -13.53
C ARG A 131 21.14 4.72 -13.93
N ARG A 132 20.33 5.49 -13.21
N ARG A 132 20.33 5.49 -13.20
CA ARG A 132 20.27 6.92 -13.43
CA ARG A 132 20.25 6.91 -13.41
C ARG A 132 21.35 7.67 -12.68
C ARG A 132 21.28 7.68 -12.60
N ILE A 133 22.11 6.97 -11.83
CA ILE A 133 23.21 7.57 -11.09
C ILE A 133 24.56 7.23 -11.72
N THR A 134 24.74 5.98 -12.11
CA THR A 134 25.98 5.56 -12.75
C THR A 134 25.70 4.28 -13.54
N PHE A 135 26.66 3.87 -14.37
CA PHE A 135 26.50 2.63 -15.12
C PHE A 135 26.49 1.41 -14.21
N PHE A 136 25.67 0.42 -14.57
CA PHE A 136 25.61 -0.78 -13.75
C PHE A 136 24.83 -1.86 -14.49
N ILE A 137 25.04 -3.10 -14.08
CA ILE A 137 24.16 -4.19 -14.50
C ILE A 137 23.01 -4.18 -13.50
N ASP A 138 22.04 -3.31 -13.76
CA ASP A 138 21.10 -2.83 -12.77
C ASP A 138 19.96 -3.84 -12.59
N ARG A 139 20.24 -4.87 -11.81
CA ARG A 139 19.31 -5.96 -11.57
C ARG A 139 19.69 -6.60 -10.23
N PRO A 140 18.71 -7.08 -9.46
CA PRO A 140 18.98 -7.38 -8.03
C PRO A 140 19.85 -8.58 -7.80
N ASP A 141 20.12 -9.41 -8.81
CA ASP A 141 21.01 -10.54 -8.57
C ASP A 141 22.50 -10.18 -8.74
N MET A 142 22.85 -8.96 -9.13
CA MET A 142 24.26 -8.51 -9.12
C MET A 142 24.62 -7.89 -7.78
N MET A 143 25.02 -8.76 -6.86
CA MET A 143 25.39 -8.42 -5.49
C MET A 143 26.83 -7.94 -5.48
N ALA A 144 27.09 -6.83 -4.80
CA ALA A 144 28.43 -6.29 -4.72
C ALA A 144 28.65 -5.62 -3.38
N LYS A 145 29.93 -5.41 -3.06
CA LYS A 145 30.37 -4.55 -1.97
C LYS A 145 30.42 -3.09 -2.45
N TYR A 146 30.17 -2.17 -1.52
CA TYR A 146 30.09 -0.75 -1.85
C TYR A 146 31.01 0.07 -0.97
N ASP A 147 31.79 0.94 -1.60
CA ASP A 147 32.69 1.89 -0.95
C ASP A 147 32.32 3.24 -1.55
N VAL A 148 31.70 4.12 -0.77
CA VAL A 148 31.06 5.31 -1.30
C VAL A 148 31.61 6.53 -0.59
N THR A 149 32.11 7.48 -1.38
CA THR A 149 32.50 8.78 -0.88
C THR A 149 31.56 9.85 -1.44
N VAL A 150 31.05 10.71 -0.58
CA VAL A 150 30.18 11.81 -0.98
C VAL A 150 30.88 13.09 -0.59
N THR A 151 30.93 14.05 -1.51
CA THR A 151 31.46 15.37 -1.19
C THR A 151 30.45 16.45 -1.59
N ALA A 152 30.50 17.57 -0.89
CA ALA A 152 29.49 18.62 -1.06
C ALA A 152 29.92 19.88 -0.33
N ASP A 153 29.25 20.98 -0.68
CA ASP A 153 29.42 22.21 0.06
C ASP A 153 29.01 21.97 1.52
N LYS A 154 29.91 22.30 2.45
CA LYS A 154 29.65 22.01 3.86
C LYS A 154 28.47 22.79 4.42
N GLU A 155 28.38 24.09 4.10
CA GLU A 155 27.30 24.92 4.65
C GLU A 155 25.94 24.40 4.19
N LYS A 156 25.81 24.13 2.88
CA LYS A 156 24.54 23.66 2.34
C LYS A 156 24.23 22.23 2.75
N TYR A 157 25.25 21.39 2.92
CA TYR A 157 25.03 19.94 3.09
C TYR A 157 25.90 19.37 4.21
N PRO A 158 25.64 19.78 5.47
CA PRO A 158 26.52 19.31 6.56
C PRO A 158 26.36 17.85 6.89
N VAL A 159 25.22 17.23 6.57
CA VAL A 159 24.97 15.86 6.95
C VAL A 159 25.05 15.02 5.68
N LEU A 160 25.98 14.07 5.67
CA LEU A 160 26.23 13.20 4.54
C LEU A 160 25.95 11.79 5.02
N LEU A 161 25.15 11.04 4.28
CA LEU A 161 24.79 9.70 4.70
C LEU A 161 24.84 8.77 3.50
N SER A 162 25.34 7.55 3.73
CA SER A 162 25.17 6.47 2.78
C SER A 162 25.09 5.17 3.58
N ASN A 163 25.03 4.05 2.88
CA ASN A 163 24.96 2.74 3.52
C ASN A 163 26.28 2.43 4.22
N GLY A 164 26.22 1.63 5.28
CA GLY A 164 27.44 1.10 5.85
C GLY A 164 28.00 2.00 6.92
N ASP A 165 29.25 1.75 7.27
CA ASP A 165 29.88 2.52 8.32
C ASP A 165 30.58 3.73 7.72
N LYS A 166 30.41 4.88 8.35
CA LYS A 166 31.19 6.06 8.00
C LYS A 166 32.63 5.83 8.46
N VAL A 167 33.58 5.72 7.52
CA VAL A 167 34.95 5.39 7.89
C VAL A 167 35.88 6.58 7.82
N ASN A 168 35.51 7.65 7.12
CA ASN A 168 36.32 8.86 7.06
C ASN A 168 35.44 10.09 6.82
N GLU A 169 35.85 11.20 7.42
CA GLU A 169 35.26 12.52 7.20
C GLU A 169 36.42 13.49 6.99
N PHE A 170 36.31 14.37 6.01
CA PHE A 170 37.46 15.19 5.72
C PHE A 170 37.00 16.52 5.14
N GLU A 171 37.87 17.53 5.29
CA GLU A 171 37.58 18.84 4.73
C GLU A 171 38.17 18.93 3.34
N ILE A 172 37.62 19.83 2.54
CA ILE A 172 37.99 19.98 1.14
C ILE A 172 38.10 21.47 0.83
N PRO A 173 39.11 21.90 0.09
CA PRO A 173 39.25 23.33 -0.21
C PRO A 173 38.01 23.89 -0.88
N GLY A 174 37.75 25.16 -0.61
CA GLY A 174 36.59 25.80 -1.22
C GLY A 174 35.28 25.60 -0.47
N GLY A 175 35.34 25.34 0.83
CA GLY A 175 34.12 25.24 1.61
C GLY A 175 33.43 23.90 1.53
N ARG A 176 34.10 22.86 1.03
CA ARG A 176 33.48 21.56 0.83
C ARG A 176 33.97 20.58 1.88
N HIS A 177 33.33 19.41 1.90
CA HIS A 177 33.74 18.37 2.82
C HIS A 177 33.25 17.05 2.25
N GLY A 178 33.85 15.96 2.73
CA GLY A 178 33.52 14.66 2.23
C GLY A 178 33.30 13.68 3.38
N ALA A 179 32.59 12.60 3.07
CA ALA A 179 32.51 11.47 3.98
C ALA A 179 32.54 10.20 3.16
N ARG A 180 33.26 9.21 3.69
CA ARG A 180 33.42 7.92 3.05
C ARG A 180 32.69 6.89 3.89
N PHE A 181 31.88 6.06 3.22
CA PHE A 181 31.12 4.99 3.82
C PHE A 181 31.52 3.69 3.16
N ASN A 182 31.87 2.69 3.98
CA ASN A 182 32.18 1.37 3.46
C ASN A 182 31.15 0.40 3.98
N ASP A 183 30.55 -0.34 3.05
CA ASP A 183 29.47 -1.29 3.33
C ASP A 183 29.88 -2.67 2.82
N PRO A 184 30.59 -3.45 3.61
CA PRO A 184 31.20 -4.72 3.10
C PRO A 184 30.19 -5.80 2.74
N PRO A 185 29.07 -5.97 3.47
CA PRO A 185 28.11 -7.01 3.05
C PRO A 185 27.59 -6.79 1.63
N LEU A 186 27.49 -7.88 0.89
CA LEU A 186 26.98 -7.79 -0.47
C LEU A 186 25.56 -7.24 -0.46
N LYS A 187 25.21 -6.49 -1.49
CA LYS A 187 23.85 -6.01 -1.63
C LYS A 187 23.55 -5.77 -3.09
N PRO A 188 22.26 -5.84 -3.49
CA PRO A 188 21.86 -5.35 -4.81
C PRO A 188 21.88 -3.83 -4.84
N CYS A 189 22.03 -3.30 -6.06
CA CYS A 189 22.19 -1.85 -6.19
C CYS A 189 20.92 -1.09 -5.88
N TYR A 190 19.76 -1.75 -5.90
CA TYR A 190 18.55 -1.00 -5.58
C TYR A 190 18.48 -0.64 -4.10
N LEU A 191 19.34 -1.23 -3.25
CA LEU A 191 19.40 -0.88 -1.84
C LEU A 191 20.47 0.18 -1.53
N PHE A 192 21.23 0.63 -2.53
CA PHE A 192 22.11 1.75 -2.35
C PHE A 192 21.32 3.04 -2.09
N ALA A 193 21.84 3.88 -1.20
CA ALA A 193 21.23 5.19 -0.99
C ALA A 193 22.30 6.17 -0.57
N VAL A 194 22.05 7.44 -0.88
CA VAL A 194 22.88 8.53 -0.43
C VAL A 194 21.94 9.68 -0.08
N VAL A 195 22.31 10.44 0.94
CA VAL A 195 21.53 11.58 1.41
C VAL A 195 22.52 12.66 1.78
N ALA A 196 22.22 13.89 1.36
CA ALA A 196 23.05 15.04 1.75
C ALA A 196 22.11 16.20 2.07
N GLY A 197 22.28 16.80 3.23
CA GLY A 197 21.48 17.98 3.50
C GLY A 197 21.75 18.53 4.88
N ASP A 198 21.01 19.59 5.21
CA ASP A 198 21.10 20.21 6.52
C ASP A 198 20.08 19.55 7.44
N LEU A 199 20.37 18.31 7.80
CA LEU A 199 19.41 17.48 8.53
C LEU A 199 19.60 17.65 10.03
N LYS A 200 18.49 17.69 10.75
CA LYS A 200 18.50 17.59 12.20
C LYS A 200 17.95 16.23 12.59
N HIS A 201 18.33 15.74 13.77
CA HIS A 201 17.94 14.38 14.14
C HIS A 201 17.46 14.27 15.59
N LEU A 202 16.75 13.18 15.84
CA LEU A 202 16.60 12.60 17.16
C LEU A 202 17.33 11.28 17.13
N SER A 203 17.82 10.82 18.27
CA SER A 203 18.54 9.56 18.28
C SER A 203 18.24 8.82 19.57
N ALA A 204 18.51 7.53 19.54
CA ALA A 204 18.35 6.63 20.68
C ALA A 204 19.30 5.45 20.48
N THR A 205 19.55 4.74 21.57
CA THR A 205 20.32 3.50 21.52
C THR A 205 19.41 2.33 21.83
N TYR A 206 19.45 1.31 20.99
CA TYR A 206 18.68 0.08 21.16
C TYR A 206 19.65 -1.07 21.42
N ILE A 207 19.38 -1.85 22.46
CA ILE A 207 20.19 -3.03 22.80
C ILE A 207 19.43 -4.26 22.35
N THR A 208 20.03 -5.04 21.45
CA THR A 208 19.32 -6.17 20.89
C THR A 208 19.06 -7.23 21.96
N LYS A 209 18.04 -8.05 21.72
CA LYS A 209 17.50 -8.95 22.73
C LYS A 209 18.48 -10.05 23.12
N TYR A 210 19.18 -10.62 22.14
CA TYR A 210 19.96 -11.83 22.36
C TYR A 210 21.45 -11.59 22.37
N THR A 211 21.97 -10.92 21.35
CA THR A 211 23.39 -10.65 21.32
C THR A 211 23.78 -9.40 22.11
N LYS A 212 22.81 -8.64 22.62
CA LYS A 212 23.09 -7.44 23.43
C LYS A 212 23.93 -6.42 22.66
N LYS A 213 23.78 -6.40 21.34
CA LYS A 213 24.44 -5.41 20.50
C LYS A 213 23.78 -4.04 20.65
N LYS A 214 24.60 -3.00 20.80
CA LYS A 214 24.10 -1.63 20.82
C LYS A 214 23.92 -1.13 19.39
N VAL A 215 22.70 -0.71 19.06
CA VAL A 215 22.39 -0.15 17.76
C VAL A 215 22.03 1.31 17.95
N GLU A 216 22.68 2.18 17.19
CA GLU A 216 22.36 3.59 17.21
C GLU A 216 21.21 3.80 16.24
N LEU A 217 20.14 4.44 16.71
CA LEU A 217 18.99 4.77 15.88
C LEU A 217 18.98 6.28 15.64
N TYR A 218 18.97 6.70 14.38
CA TYR A 218 18.86 8.13 14.06
C TYR A 218 17.67 8.37 13.16
N VAL A 219 16.88 9.40 13.48
CA VAL A 219 15.78 9.84 12.62
C VAL A 219 16.04 11.29 12.24
N PHE A 220 15.93 11.58 10.94
CA PHE A 220 16.36 12.86 10.38
C PHE A 220 15.21 13.54 9.64
N SER A 221 15.17 14.86 9.75
CA SER A 221 14.31 15.67 8.91
C SER A 221 14.99 17.02 8.72
N GLU A 222 14.40 17.86 7.89
CA GLU A 222 14.81 19.25 7.89
C GLU A 222 14.53 19.87 9.25
N GLU A 223 15.27 20.94 9.55
CA GLU A 223 15.26 21.54 10.87
C GLU A 223 13.86 21.96 11.33
N LYS A 224 13.08 22.57 10.42
CA LYS A 224 11.74 23.04 10.74
C LYS A 224 10.89 21.96 11.41
N TYR A 225 11.01 20.71 10.93
CA TYR A 225 10.10 19.65 11.35
C TYR A 225 10.72 18.63 12.29
N VAL A 226 11.89 18.94 12.90
CA VAL A 226 12.56 17.91 13.70
C VAL A 226 11.71 17.53 14.90
N SER A 227 10.92 18.46 15.43
CA SER A 227 10.00 18.10 16.52
C SER A 227 8.94 17.09 16.12
N LYS A 228 8.81 16.78 14.84
CA LYS A 228 7.83 15.79 14.40
C LYS A 228 8.40 14.39 14.29
N LEU A 229 9.64 14.17 14.75
CA LEU A 229 10.26 12.86 14.56
C LEU A 229 10.03 11.87 15.71
N GLN A 230 9.37 12.29 16.80
CA GLN A 230 9.43 11.50 18.02
C GLN A 230 8.70 10.17 17.87
N TRP A 231 7.50 10.22 17.28
CA TRP A 231 6.72 9.00 17.15
C TRP A 231 7.44 7.96 16.31
N ALA A 232 8.03 8.38 15.19
CA ALA A 232 8.78 7.49 14.31
C ALA A 232 9.88 6.73 15.06
N LEU A 233 10.61 7.43 15.94
CA LEU A 233 11.65 6.78 16.72
C LEU A 233 11.07 5.71 17.62
N GLU A 234 9.94 6.01 18.27
CA GLU A 234 9.27 5.02 19.09
C GLU A 234 8.81 3.84 18.24
N CYS A 235 8.23 4.14 17.06
CA CYS A 235 7.81 3.07 16.15
C CYS A 235 8.98 2.19 15.74
N LEU A 236 10.14 2.80 15.49
CA LEU A 236 11.30 1.98 15.11
C LEU A 236 11.69 1.03 16.24
N LYS A 237 11.76 1.56 17.47
CA LYS A 237 12.05 0.69 18.62
C LYS A 237 11.03 -0.44 18.69
N LYS A 238 9.76 -0.11 18.51
CA LYS A 238 8.71 -1.12 18.60
C LYS A 238 8.92 -2.18 17.53
N SER A 239 9.35 -1.77 16.33
CA SER A 239 9.49 -2.70 15.22
C SER A 239 10.61 -3.67 15.48
N MET A 240 11.73 -3.13 15.95
CA MET A 240 12.87 -3.95 16.33
C MET A 240 12.44 -4.98 17.36
N ALA A 241 11.72 -4.54 18.39
CA ALA A 241 11.33 -5.45 19.45
C ALA A 241 10.41 -6.54 18.92
N PHE A 242 9.51 -6.18 18.00
CA PHE A 242 8.55 -7.17 17.50
C PHE A 242 9.25 -8.26 16.71
N ASP A 243 10.18 -7.87 15.83
CA ASP A 243 10.90 -8.89 15.08
C ASP A 243 11.69 -9.78 16.03
N GLU A 244 12.27 -9.19 17.09
CA GLU A 244 12.95 -10.01 18.09
C GLU A 244 11.97 -10.96 18.79
N ASP A 245 10.81 -10.46 19.18
CA ASP A 245 9.91 -11.23 20.03
C ASP A 245 9.13 -12.28 19.25
N TYR A 246 8.58 -11.90 18.10
CA TYR A 246 7.79 -12.84 17.33
C TYR A 246 8.69 -13.77 16.51
N PHE A 247 9.71 -13.20 15.85
CA PHE A 247 10.50 -13.95 14.88
C PHE A 247 11.89 -14.31 15.37
N GLY A 248 12.31 -13.78 16.51
CA GLY A 248 13.64 -14.09 17.01
C GLY A 248 14.74 -13.47 16.17
N LEU A 249 14.46 -12.34 15.49
CA LEU A 249 15.35 -11.72 14.53
C LEU A 249 15.89 -10.42 15.10
N GLU A 250 17.21 -10.29 15.15
CA GLU A 250 17.86 -9.08 15.63
C GLU A 250 18.42 -8.29 14.45
N TYR A 251 18.49 -6.99 14.62
CA TYR A 251 19.19 -6.15 13.67
C TYR A 251 20.69 -6.46 13.73
N ASP A 252 21.36 -6.42 12.57
CA ASP A 252 22.75 -6.87 12.43
C ASP A 252 23.75 -5.73 12.28
N LEU A 253 23.31 -4.48 12.15
CA LEU A 253 24.22 -3.38 11.89
C LEU A 253 24.33 -2.46 13.09
N SER A 254 25.37 -1.63 13.11
N SER A 254 25.38 -1.64 13.12
CA SER A 254 25.60 -0.78 14.27
CA SER A 254 25.60 -0.78 14.27
C SER A 254 24.69 0.44 14.28
C SER A 254 24.65 0.42 14.30
N ARG A 255 24.06 0.78 13.16
CA ARG A 255 23.30 2.00 13.07
C ARG A 255 22.18 1.82 12.08
N LEU A 256 21.04 2.47 12.36
CA LEU A 256 19.93 2.51 11.43
C LEU A 256 19.46 3.95 11.35
N ASN A 257 19.49 4.52 10.14
CA ASN A 257 19.04 5.89 9.91
C ASN A 257 17.71 5.87 9.18
N LEU A 258 16.77 6.71 9.64
CA LEU A 258 15.53 7.00 8.91
C LEU A 258 15.56 8.47 8.54
N VAL A 259 15.21 8.79 7.30
CA VAL A 259 15.32 10.16 6.79
C VAL A 259 14.01 10.53 6.11
N ALA A 260 13.44 11.66 6.50
CA ALA A 260 12.23 12.19 5.86
C ALA A 260 12.60 13.19 4.79
N VAL A 261 11.95 13.08 3.63
CA VAL A 261 12.08 14.04 2.54
C VAL A 261 10.68 14.40 2.07
N SER A 262 10.55 15.62 1.56
CA SER A 262 9.25 16.17 1.22
C SER A 262 8.73 15.64 -0.10
N ASP A 263 9.62 15.28 -1.04
CA ASP A 263 9.26 14.86 -2.39
C ASP A 263 9.57 13.38 -2.54
N PHE A 264 8.55 12.54 -2.61
CA PHE A 264 8.81 11.10 -2.64
C PHE A 264 7.65 10.45 -3.38
N ASN A 265 7.99 9.51 -4.26
CA ASN A 265 6.98 8.93 -5.13
C ASN A 265 6.06 7.99 -4.38
N VAL A 266 6.57 7.36 -3.32
CA VAL A 266 5.78 6.39 -2.58
C VAL A 266 5.84 6.73 -1.09
N GLY A 267 5.68 5.72 -0.25
CA GLY A 267 5.66 5.88 1.19
C GLY A 267 7.04 5.88 1.81
N ALA A 268 7.85 4.86 1.53
CA ALA A 268 9.22 4.85 2.07
C ALA A 268 10.00 3.76 1.33
N MET A 269 11.30 3.67 1.63
CA MET A 269 12.21 2.82 0.87
C MET A 269 13.20 2.19 1.86
N GLU A 270 13.45 0.89 1.74
CA GLU A 270 14.19 0.15 2.76
C GLU A 270 15.72 0.11 2.53
N ASN A 271 16.33 1.16 1.99
CA ASN A 271 17.78 1.13 1.73
C ASN A 271 18.54 0.71 2.99
N LYS A 272 19.51 -0.20 2.83
CA LYS A 272 20.08 -0.86 4.00
C LYS A 272 20.73 0.16 4.93
N GLY A 273 20.27 0.19 6.18
CA GLY A 273 20.79 1.11 7.16
C GLY A 273 20.39 2.54 6.96
N LEU A 274 19.65 2.85 5.89
CA LEU A 274 19.39 4.23 5.49
C LEU A 274 18.00 4.29 4.85
N ASN A 275 16.97 4.04 5.67
CA ASN A 275 15.60 4.04 5.14
C ASN A 275 15.15 5.47 4.88
N ILE A 276 14.55 5.70 3.73
CA ILE A 276 14.16 7.04 3.33
C ILE A 276 12.65 7.06 3.17
N PHE A 277 12.01 8.10 3.72
CA PHE A 277 10.57 8.15 3.87
C PHE A 277 10.02 9.39 3.19
N ASN A 278 8.88 9.23 2.51
CA ASN A 278 7.96 10.35 2.38
C ASN A 278 7.76 10.97 3.75
N ALA A 279 7.92 12.29 3.85
CA ALA A 279 7.70 12.95 5.14
C ALA A 279 6.30 12.61 5.71
N ASN A 280 5.30 12.45 4.84
CA ASN A 280 3.97 12.15 5.38
C ASN A 280 3.87 10.75 6.00
N SER A 281 4.90 9.92 5.84
CA SER A 281 4.92 8.63 6.50
C SER A 281 6.00 8.52 7.57
N LEU A 282 6.55 9.64 8.04
CA LEU A 282 7.55 9.61 9.10
C LEU A 282 7.27 10.67 10.15
N LEU A 283 6.78 11.85 9.74
CA LEU A 283 6.69 13.01 10.61
C LEU A 283 5.26 13.19 11.10
N ALA A 284 5.09 13.43 12.40
CA ALA A 284 3.79 13.74 12.98
C ALA A 284 3.98 14.51 14.28
N SER A 285 2.97 15.31 14.62
CA SER A 285 2.79 15.84 15.97
C SER A 285 1.29 15.96 16.22
N LYS A 286 0.88 15.87 17.49
CA LYS A 286 -0.56 15.90 17.78
C LYS A 286 -1.18 17.20 17.29
N LYS A 287 -0.41 18.29 17.28
CA LYS A 287 -0.98 19.56 16.87
C LYS A 287 -1.14 19.66 15.36
N ASN A 288 -0.28 19.01 14.60
CA ASN A 288 -0.17 19.28 13.18
C ASN A 288 -0.41 18.05 12.32
N SER A 289 -0.97 16.98 12.86
CA SER A 289 -1.22 15.78 12.06
C SER A 289 -2.59 15.22 12.37
N ILE A 290 -3.25 14.66 11.35
CA ILE A 290 -4.46 13.92 11.59
C ILE A 290 -4.11 12.58 12.21
N ASP A 291 -5.12 11.96 12.82
CA ASP A 291 -4.89 10.73 13.57
C ASP A 291 -4.27 9.66 12.68
N PHE A 292 -4.66 9.64 11.41
CA PHE A 292 -4.22 8.58 10.52
C PHE A 292 -2.69 8.56 10.39
N SER A 293 -2.05 9.72 10.52
CA SER A 293 -0.58 9.76 10.48
C SER A 293 0.05 8.78 11.46
N TYR A 294 -0.56 8.58 12.63
CA TYR A 294 0.07 7.74 13.65
C TYR A 294 0.08 6.26 13.25
N ALA A 295 -1.04 5.73 12.72
CA ALA A 295 -0.97 4.36 12.23
C ALA A 295 -0.11 4.27 10.98
N ARG A 296 -0.14 5.29 10.11
CA ARG A 296 0.68 5.26 8.91
C ARG A 296 2.18 5.18 9.25
N ILE A 297 2.64 6.04 10.16
CA ILE A 297 4.06 6.02 10.53
C ILE A 297 4.43 4.68 11.17
N LEU A 298 3.57 4.18 12.06
CA LEU A 298 3.83 2.87 12.66
C LEU A 298 3.98 1.79 11.59
N THR A 299 3.08 1.76 10.62
CA THR A 299 3.15 0.65 9.67
C THR A 299 4.28 0.85 8.65
N VAL A 300 4.55 2.09 8.25
CA VAL A 300 5.59 2.28 7.23
C VAL A 300 6.98 2.14 7.85
N VAL A 301 7.19 2.66 9.07
CA VAL A 301 8.44 2.41 9.77
C VAL A 301 8.58 0.92 10.01
N GLY A 302 7.50 0.26 10.46
CA GLY A 302 7.59 -1.18 10.65
C GLY A 302 7.95 -1.87 9.36
N HIS A 303 7.23 -1.53 8.29
CA HIS A 303 7.42 -2.17 7.00
C HIS A 303 8.88 -2.07 6.53
N GLU A 304 9.43 -0.87 6.49
CA GLU A 304 10.82 -0.74 6.05
C GLU A 304 11.77 -1.50 6.99
N TYR A 305 11.48 -1.50 8.30
CA TYR A 305 12.35 -2.24 9.21
C TYR A 305 12.31 -3.74 8.90
N PHE A 306 11.11 -4.29 8.70
CA PHE A 306 11.01 -5.73 8.48
C PHE A 306 11.64 -6.17 7.19
N HIS A 307 11.76 -5.25 6.23
CA HIS A 307 12.54 -5.52 5.03
C HIS A 307 13.99 -5.87 5.32
N GLN A 308 14.53 -5.45 6.46
CA GLN A 308 15.95 -5.75 6.67
C GLN A 308 16.21 -7.26 6.54
N TYR A 309 15.30 -8.10 7.04
CA TYR A 309 15.37 -9.53 6.75
C TYR A 309 14.69 -9.90 5.44
N THR A 310 13.42 -9.52 5.25
CA THR A 310 12.64 -9.97 4.09
C THR A 310 12.75 -8.92 2.98
N GLY A 311 13.90 -8.97 2.29
CA GLY A 311 14.21 -8.09 1.19
C GLY A 311 15.70 -7.73 1.15
N ASN A 312 16.28 -7.44 2.31
CA ASN A 312 17.66 -6.96 2.37
C ASN A 312 18.63 -8.11 2.63
N ARG A 313 18.48 -8.82 3.73
CA ARG A 313 19.34 -9.98 4.00
C ARG A 313 18.99 -11.16 3.11
N VAL A 314 17.70 -11.46 2.98
CA VAL A 314 17.25 -12.37 1.92
C VAL A 314 16.71 -11.48 0.81
N THR A 315 17.35 -11.46 -0.34
CA THR A 315 16.92 -10.52 -1.36
C THR A 315 16.27 -11.29 -2.52
N LEU A 316 16.02 -10.59 -3.61
CA LEU A 316 15.35 -11.18 -4.77
C LEU A 316 16.32 -11.60 -5.85
N ARG A 317 16.05 -12.77 -6.44
CA ARG A 317 16.76 -13.20 -7.64
C ARG A 317 16.50 -12.27 -8.82
N ASP A 318 15.27 -11.79 -8.94
CA ASP A 318 14.85 -11.03 -10.11
C ASP A 318 13.56 -10.34 -9.71
N TRP A 319 13.16 -9.36 -10.52
CA TRP A 319 12.03 -8.51 -10.11
C TRP A 319 10.70 -9.24 -10.15
N PHE A 320 10.61 -10.39 -10.84
CA PHE A 320 9.33 -11.11 -10.83
C PHE A 320 9.05 -11.69 -9.45
N GLN A 321 10.08 -11.85 -8.61
CA GLN A 321 9.90 -12.29 -7.22
C GLN A 321 9.44 -11.17 -6.30
N LEU A 322 9.08 -10.00 -6.82
CA LEU A 322 8.80 -8.83 -5.97
C LEU A 322 7.93 -9.16 -4.76
N THR A 323 6.89 -10.00 -4.95
CA THR A 323 5.94 -10.29 -3.86
C THR A 323 6.62 -11.06 -2.73
N LEU A 324 7.70 -11.76 -3.03
CA LEU A 324 8.44 -12.47 -1.99
C LEU A 324 8.96 -11.51 -0.92
N LYS A 325 9.41 -10.32 -1.32
CA LYS A 325 9.72 -9.34 -0.28
C LYS A 325 8.55 -8.39 0.03
N GLU A 326 7.71 -8.04 -0.95
CA GLU A 326 6.70 -7.05 -0.57
C GLU A 326 5.46 -7.66 0.09
N GLY A 327 4.92 -8.74 -0.48
CA GLY A 327 3.80 -9.38 0.19
C GLY A 327 4.23 -9.88 1.56
N LEU A 328 5.44 -10.45 1.65
CA LEU A 328 5.88 -10.99 2.94
C LEU A 328 6.11 -9.87 3.96
N THR A 329 6.69 -8.74 3.53
CA THR A 329 6.92 -7.65 4.45
C THR A 329 5.60 -6.97 4.84
N VAL A 330 4.63 -6.87 3.93
CA VAL A 330 3.30 -6.38 4.33
C VAL A 330 2.69 -7.31 5.37
N HIS A 331 2.83 -8.62 5.17
CA HIS A 331 2.33 -9.58 6.16
C HIS A 331 3.02 -9.35 7.51
N ARG A 332 4.34 -9.19 7.51
CA ARG A 332 5.03 -8.95 8.78
C ARG A 332 4.60 -7.63 9.39
N GLU A 333 4.51 -6.60 8.58
CA GLU A 333 3.94 -5.31 8.97
C GLU A 333 2.54 -5.47 9.59
N ASN A 334 1.70 -6.30 8.97
CA ASN A 334 0.33 -6.43 9.46
C ASN A 334 0.30 -7.14 10.80
N LEU A 335 1.08 -8.22 10.97
CA LEU A 335 1.18 -8.86 12.28
C LEU A 335 1.64 -7.86 13.32
N PHE A 336 2.65 -7.06 12.96
CA PHE A 336 3.20 -6.08 13.89
C PHE A 336 2.14 -5.08 14.30
N SER A 337 1.43 -4.50 13.33
N SER A 337 1.43 -4.50 13.33
CA SER A 337 0.48 -3.46 13.66
CA SER A 337 0.48 -3.46 13.66
C SER A 337 -0.72 -4.02 14.43
C SER A 337 -0.71 -4.01 14.43
N GLU A 338 -1.15 -5.24 14.12
CA GLU A 338 -2.20 -5.85 14.93
C GLU A 338 -1.75 -5.98 16.39
N GLU A 339 -0.50 -6.41 16.61
CA GLU A 339 -0.04 -6.55 17.98
C GLU A 339 0.12 -5.19 18.65
N MET A 340 0.47 -4.15 17.87
CA MET A 340 0.82 -2.88 18.49
C MET A 340 -0.45 -2.10 18.80
N THR A 341 -1.46 -2.19 17.92
CA THR A 341 -2.65 -1.37 18.08
C THR A 341 -3.69 -2.01 18.98
N LYS A 342 -3.70 -3.34 19.03
CA LYS A 342 -4.63 -4.10 19.85
C LYS A 342 -6.09 -3.72 19.55
N THR A 343 -6.39 -3.37 18.31
CA THR A 343 -7.77 -3.11 17.94
C THR A 343 -8.14 -3.99 16.76
N VAL A 344 -9.39 -4.49 16.75
CA VAL A 344 -9.80 -5.32 15.61
C VAL A 344 -9.88 -4.51 14.32
N THR A 345 -9.98 -3.18 14.41
CA THR A 345 -10.09 -2.41 13.18
C THR A 345 -8.83 -2.48 12.34
N THR A 346 -7.69 -2.84 12.92
CA THR A 346 -6.47 -2.94 12.12
C THR A 346 -6.62 -4.01 11.05
N ARG A 347 -6.99 -5.22 11.46
CA ARG A 347 -7.23 -6.27 10.48
C ARG A 347 -8.37 -5.90 9.56
N LEU A 348 -9.46 -5.36 10.11
CA LEU A 348 -10.59 -4.98 9.26
C LEU A 348 -10.16 -3.98 8.20
N SER A 349 -9.28 -3.02 8.56
CA SER A 349 -8.87 -2.02 7.58
C SER A 349 -8.07 -2.65 6.43
N HIS A 350 -7.28 -3.68 6.72
N HIS A 350 -7.26 -3.68 6.70
CA HIS A 350 -6.53 -4.38 5.67
CA HIS A 350 -6.55 -4.31 5.58
C HIS A 350 -7.47 -5.12 4.73
C HIS A 350 -7.50 -5.10 4.69
N VAL A 351 -8.46 -5.80 5.28
CA VAL A 351 -9.46 -6.47 4.46
C VAL A 351 -10.23 -5.46 3.63
N ASP A 352 -10.59 -4.33 4.25
CA ASP A 352 -11.37 -3.31 3.59
C ASP A 352 -10.63 -2.76 2.36
N LEU A 353 -9.32 -2.53 2.52
CA LEU A 353 -8.46 -2.16 1.40
C LEU A 353 -8.42 -3.25 0.33
N LEU A 354 -8.18 -4.49 0.74
CA LEU A 354 -8.03 -5.55 -0.25
C LEU A 354 -9.31 -5.71 -1.09
N ARG A 355 -10.47 -5.79 -0.42
CA ARG A 355 -11.70 -6.09 -1.12
C ARG A 355 -12.22 -4.92 -1.92
N SER A 356 -11.79 -3.71 -1.65
CA SER A 356 -12.19 -2.59 -2.50
C SER A 356 -11.15 -2.47 -3.60
N VAL A 357 -9.94 -2.06 -3.23
CA VAL A 357 -8.93 -1.67 -4.21
C VAL A 357 -8.37 -2.88 -4.96
N GLN A 358 -7.95 -3.91 -4.23
CA GLN A 358 -7.28 -5.02 -4.91
C GLN A 358 -8.27 -5.90 -5.68
N PHE A 359 -9.47 -6.12 -5.14
CA PHE A 359 -10.45 -6.90 -5.89
C PHE A 359 -10.81 -6.20 -7.18
N LEU A 360 -10.97 -4.87 -7.13
N LEU A 360 -10.98 -4.87 -7.13
CA LEU A 360 -11.19 -4.12 -8.36
CA LEU A 360 -11.20 -4.13 -8.37
C LEU A 360 -10.06 -4.35 -9.36
C LEU A 360 -10.06 -4.35 -9.36
N GLU A 361 -8.81 -4.25 -8.89
CA GLU A 361 -7.68 -4.50 -9.80
C GLU A 361 -7.75 -5.89 -10.41
N ASP A 362 -8.08 -6.90 -9.61
CA ASP A 362 -8.06 -8.29 -10.05
C ASP A 362 -9.22 -8.62 -10.98
N SER A 363 -10.26 -7.79 -11.05
CA SER A 363 -11.31 -8.04 -12.02
C SER A 363 -11.22 -7.05 -13.18
N SER A 364 -10.16 -6.26 -13.22
CA SER A 364 -9.92 -5.27 -14.26
C SER A 364 -9.02 -5.83 -15.34
N PRO A 365 -8.88 -5.12 -16.46
CA PRO A 365 -7.95 -5.56 -17.50
C PRO A 365 -6.50 -5.57 -17.00
N LEU A 366 -6.22 -4.95 -15.86
CA LEU A 366 -4.88 -4.92 -15.29
C LEU A 366 -4.60 -6.17 -14.46
N SER A 367 -5.60 -7.04 -14.26
CA SER A 367 -5.44 -8.23 -13.42
C SER A 367 -4.15 -9.01 -13.72
N HIS A 368 -3.46 -9.39 -12.66
CA HIS A 368 -2.21 -10.14 -12.78
C HIS A 368 -2.07 -11.01 -11.55
N PRO A 369 -1.31 -12.10 -11.64
CA PRO A 369 -1.02 -12.88 -10.43
C PRO A 369 -0.01 -12.12 -9.59
N ILE A 370 0.12 -12.53 -8.33
CA ILE A 370 1.05 -11.84 -7.44
C ILE A 370 2.50 -12.04 -7.89
N ARG A 371 2.76 -13.04 -8.72
CA ARG A 371 4.01 -13.16 -9.48
C ARG A 371 3.72 -13.09 -10.96
N PRO A 372 3.78 -11.90 -11.56
CA PRO A 372 3.45 -11.75 -12.98
C PRO A 372 4.41 -12.50 -13.88
N GLU A 373 3.96 -12.73 -15.11
CA GLU A 373 4.79 -13.45 -16.05
C GLU A 373 5.61 -12.53 -16.91
N SER A 374 5.31 -11.23 -16.93
CA SER A 374 6.01 -10.34 -17.84
C SER A 374 5.80 -8.90 -17.39
N TYR A 375 6.68 -8.02 -17.86
CA TYR A 375 6.52 -6.59 -17.65
C TYR A 375 7.31 -5.79 -18.69
N VAL A 376 6.91 -4.54 -18.84
CA VAL A 376 7.64 -3.54 -19.62
C VAL A 376 8.29 -2.51 -18.73
N SER A 377 7.49 -1.82 -17.92
CA SER A 377 7.97 -0.90 -16.90
C SER A 377 7.89 -1.62 -15.56
N MET A 378 9.05 -1.97 -15.02
CA MET A 378 9.14 -2.46 -13.65
C MET A 378 8.37 -1.61 -12.64
N GLU A 379 8.31 -0.30 -12.81
CA GLU A 379 7.60 0.49 -11.82
C GLU A 379 6.10 0.18 -11.82
N ASN A 380 5.55 -0.34 -12.92
CA ASN A 380 4.13 -0.65 -12.96
C ASN A 380 3.81 -1.95 -12.24
N PHE A 381 4.84 -2.71 -11.83
CA PHE A 381 4.76 -3.97 -11.09
C PHE A 381 4.36 -3.77 -9.64
N TYR A 382 4.56 -2.57 -9.09
CA TYR A 382 4.30 -2.29 -7.69
C TYR A 382 2.82 -2.01 -7.54
N THR A 383 2.07 -3.05 -7.14
CA THR A 383 0.61 -3.00 -7.20
C THR A 383 0.00 -3.53 -5.91
N THR A 384 -1.26 -3.14 -5.69
CA THR A 384 -1.96 -3.70 -4.56
C THR A 384 -2.07 -5.22 -4.67
N THR A 385 -2.09 -5.75 -5.90
CA THR A 385 -2.08 -7.20 -6.02
C THR A 385 -0.78 -7.77 -5.45
N VAL A 386 0.36 -7.25 -5.89
CA VAL A 386 1.64 -7.79 -5.42
C VAL A 386 1.81 -7.56 -3.91
N TYR A 387 1.36 -6.41 -3.43
CA TYR A 387 1.54 -6.06 -2.03
C TYR A 387 0.48 -6.73 -1.15
N ASP A 388 -0.78 -6.45 -1.43
CA ASP A 388 -1.82 -6.78 -0.46
C ASP A 388 -2.41 -8.16 -0.66
N LYS A 389 -2.63 -8.56 -1.91
CA LYS A 389 -2.95 -9.97 -2.07
C LYS A 389 -1.73 -10.81 -1.77
N GLY A 390 -0.53 -10.35 -2.17
CA GLY A 390 0.68 -11.03 -1.72
C GLY A 390 0.69 -11.23 -0.21
N SER A 391 0.33 -10.18 0.53
CA SER A 391 0.31 -10.30 1.99
CA SER A 391 0.29 -10.28 1.99
C SER A 391 -0.73 -11.31 2.46
N GLU A 392 -1.89 -11.36 1.82
CA GLU A 392 -2.88 -12.36 2.22
C GLU A 392 -2.39 -13.77 1.89
N VAL A 393 -1.68 -13.95 0.76
CA VAL A 393 -1.09 -15.26 0.44
C VAL A 393 -0.03 -15.63 1.46
N MET A 394 0.80 -14.65 1.87
CA MET A 394 1.79 -14.86 2.92
C MET A 394 1.10 -15.17 4.25
N ARG A 395 -0.04 -14.52 4.52
CA ARG A 395 -0.73 -14.77 5.79
C ARG A 395 -1.42 -16.14 5.81
N MET A 396 -1.80 -16.67 4.65
CA MET A 396 -2.50 -17.95 4.64
C MET A 396 -1.56 -19.06 5.13
N TYR A 397 -0.23 -18.93 4.90
CA TYR A 397 0.68 -19.93 5.43
C TYR A 397 0.56 -20.01 6.95
N LEU A 398 0.43 -18.84 7.60
CA LEU A 398 0.29 -18.82 9.06
C LEU A 398 -1.03 -19.45 9.49
N THR A 399 -2.12 -19.10 8.80
CA THR A 399 -3.41 -19.72 9.10
C THR A 399 -3.36 -21.23 8.94
N ILE A 400 -2.71 -21.71 7.87
CA ILE A 400 -2.67 -23.14 7.62
C ILE A 400 -1.78 -23.85 8.64
N LEU A 401 -0.66 -23.25 8.99
CA LEU A 401 0.34 -23.91 9.82
C LEU A 401 0.10 -23.69 11.29
N GLY A 402 -0.58 -22.61 11.68
CA GLY A 402 -0.58 -22.19 13.06
C GLY A 402 0.73 -21.52 13.43
N GLU A 403 0.72 -20.80 14.56
CA GLU A 403 1.84 -19.94 14.91
C GLU A 403 3.13 -20.72 15.08
N GLU A 404 3.08 -21.84 15.81
CA GLU A 404 4.30 -22.57 16.12
C GLU A 404 5.00 -23.06 14.86
N TYR A 405 4.27 -23.76 13.98
CA TYR A 405 4.88 -24.29 12.77
C TYR A 405 5.12 -23.20 11.74
N TYR A 406 4.32 -22.13 11.75
CA TYR A 406 4.67 -21.02 10.86
C TYR A 406 6.03 -20.44 11.24
N LYS A 407 6.23 -20.20 12.54
CA LYS A 407 7.50 -19.64 12.98
C LYS A 407 8.63 -20.58 12.61
N LYS A 408 8.41 -21.89 12.71
CA LYS A 408 9.46 -22.84 12.33
C LYS A 408 9.76 -22.74 10.85
N GLY A 409 8.71 -22.66 10.02
CA GLY A 409 8.94 -22.53 8.59
C GLY A 409 9.61 -21.23 8.20
N PHE A 410 9.21 -20.12 8.83
CA PHE A 410 9.84 -18.85 8.50
C PHE A 410 11.33 -18.87 8.87
N ASP A 411 11.65 -19.47 10.02
CA ASP A 411 13.04 -19.57 10.40
C ASP A 411 13.83 -20.43 9.42
N ILE A 412 13.22 -21.51 8.91
CA ILE A 412 13.89 -22.28 7.86
C ILE A 412 14.19 -21.37 6.66
N TYR A 413 13.22 -20.56 6.26
CA TYR A 413 13.40 -19.65 5.13
C TYR A 413 14.58 -18.72 5.37
N ILE A 414 14.65 -18.09 6.57
CA ILE A 414 15.72 -17.14 6.83
C ILE A 414 17.07 -17.85 6.90
N LYS A 415 17.13 -18.95 7.64
CA LYS A 415 18.42 -19.64 7.80
C LYS A 415 18.92 -20.17 6.46
N LYS A 416 18.02 -20.65 5.60
CA LYS A 416 18.47 -21.24 4.35
C LYS A 416 18.85 -20.21 3.31
N ASN A 417 18.33 -18.98 3.41
CA ASN A 417 18.55 -18.01 2.33
C ASN A 417 19.19 -16.71 2.79
N ASP A 418 19.53 -16.57 4.07
CA ASP A 418 20.18 -15.36 4.56
C ASP A 418 21.43 -15.04 3.74
N GLY A 419 21.57 -13.80 3.30
CA GLY A 419 22.73 -13.45 2.50
C GLY A 419 22.67 -13.85 1.04
N ASN A 420 21.53 -14.35 0.57
CA ASN A 420 21.42 -14.82 -0.80
C ASN A 420 20.19 -14.19 -1.47
N THR A 421 20.10 -14.35 -2.78
CA THR A 421 18.86 -14.10 -3.52
C THR A 421 17.92 -15.28 -3.29
N ALA A 422 16.62 -15.05 -3.54
CA ALA A 422 15.67 -16.14 -3.39
C ALA A 422 14.50 -15.93 -4.33
N THR A 423 13.69 -16.97 -4.48
CA THR A 423 12.50 -16.91 -5.30
C THR A 423 11.29 -17.30 -4.46
N CYS A 424 10.11 -17.17 -5.05
CA CYS A 424 8.90 -17.56 -4.32
C CYS A 424 8.90 -19.03 -3.96
N GLU A 425 9.45 -19.89 -4.84
CA GLU A 425 9.59 -21.31 -4.51
C GLU A 425 10.39 -21.56 -3.26
N ASP A 426 11.47 -20.79 -3.02
CA ASP A 426 12.24 -20.95 -1.78
C ASP A 426 11.35 -20.76 -0.56
N PHE A 427 10.47 -19.76 -0.60
CA PHE A 427 9.59 -19.56 0.54
C PHE A 427 8.61 -20.70 0.66
N ASN A 428 8.00 -21.11 -0.46
CA ASN A 428 7.04 -22.20 -0.39
C ASN A 428 7.72 -23.47 0.07
N TYR A 429 8.98 -23.67 -0.32
CA TYR A 429 9.70 -24.86 0.13
C TYR A 429 9.87 -24.84 1.63
N ALA A 430 10.21 -23.68 2.19
CA ALA A 430 10.41 -23.59 3.64
C ALA A 430 9.11 -23.86 4.39
N MET A 431 7.98 -23.33 3.88
CA MET A 431 6.69 -23.59 4.50
C MET A 431 6.31 -25.05 4.36
N GLU A 432 6.61 -25.64 3.19
CA GLU A 432 6.35 -27.05 3.00
C GLU A 432 7.08 -27.92 4.03
N GLN A 433 8.31 -27.58 4.39
CA GLN A 433 8.98 -28.35 5.43
C GLN A 433 8.18 -28.30 6.73
N ALA A 434 7.69 -27.10 7.09
CA ALA A 434 6.84 -26.99 8.26
C ALA A 434 5.53 -27.74 8.09
N TYR A 435 4.98 -27.74 6.87
CA TYR A 435 3.73 -28.46 6.63
C TYR A 435 3.93 -29.94 6.92
N LYS A 436 5.00 -30.51 6.37
CA LYS A 436 5.36 -31.89 6.64
C LYS A 436 5.44 -32.15 8.14
N MET A 437 6.16 -31.31 8.86
CA MET A 437 6.28 -31.45 10.30
C MET A 437 4.91 -31.43 10.96
N LYS A 438 4.09 -30.44 10.60
CA LYS A 438 2.78 -30.29 11.23
C LYS A 438 1.90 -31.50 10.93
N LYS A 439 1.90 -31.97 9.69
CA LYS A 439 1.05 -33.10 9.32
C LYS A 439 1.62 -34.43 9.77
N ALA A 440 2.83 -34.46 10.30
CA ALA A 440 3.54 -35.72 10.56
C ALA A 440 3.50 -36.61 9.32
N ASP A 441 3.85 -36.02 8.18
CA ASP A 441 3.67 -36.72 6.90
C ASP A 441 4.71 -36.23 5.91
N ASN A 442 5.82 -36.97 5.80
CA ASN A 442 6.87 -36.56 4.88
C ASN A 442 6.39 -36.49 3.43
N SER A 443 5.24 -37.07 3.12
CA SER A 443 4.70 -37.01 1.77
C SER A 443 3.85 -35.77 1.52
N ALA A 444 3.40 -35.10 2.58
CA ALA A 444 2.63 -33.88 2.42
C ALA A 444 3.42 -32.84 1.65
N ASN A 445 2.74 -32.10 0.78
CA ASN A 445 3.41 -31.05 0.03
C ASN A 445 2.46 -29.89 -0.16
N LEU A 446 3.06 -28.78 -0.60
CA LEU A 446 2.37 -27.52 -0.85
C LEU A 446 2.49 -27.17 -2.34
N ASN A 447 2.59 -28.18 -3.20
N ASN A 447 2.62 -28.17 -3.19
CA ASN A 447 2.72 -27.90 -4.63
CA ASN A 447 2.71 -27.93 -4.63
C ASN A 447 1.52 -27.13 -5.16
C ASN A 447 1.53 -27.12 -5.13
N GLN A 448 0.31 -27.51 -4.72
CA GLN A 448 -0.88 -26.77 -5.12
C GLN A 448 -0.84 -25.33 -4.64
N TYR A 449 -0.19 -25.08 -3.49
CA TYR A 449 -0.18 -23.72 -2.96
C TYR A 449 0.47 -22.75 -3.94
N LEU A 450 1.39 -23.24 -4.79
CA LEU A 450 2.10 -22.36 -5.70
C LEU A 450 1.16 -21.70 -6.69
N LEU A 451 -0.02 -22.25 -6.91
CA LEU A 451 -0.96 -21.58 -7.81
C LEU A 451 -1.38 -20.22 -7.27
N TRP A 452 -1.30 -20.00 -5.96
CA TRP A 452 -1.56 -18.66 -5.45
C TRP A 452 -0.59 -17.64 -6.03
N PHE A 453 0.61 -18.07 -6.44
CA PHE A 453 1.57 -17.14 -7.03
C PHE A 453 1.35 -16.91 -8.51
N SER A 454 0.81 -17.90 -9.22
CA SER A 454 0.72 -17.85 -10.67
C SER A 454 -0.67 -17.57 -11.18
N GLN A 455 -1.72 -17.79 -10.39
CA GLN A 455 -3.10 -17.68 -10.91
C GLN A 455 -3.66 -16.31 -10.57
N SER A 456 -4.07 -15.57 -11.58
CA SER A 456 -4.68 -14.27 -11.31
C SER A 456 -6.17 -14.47 -11.04
N GLY A 457 -6.82 -13.39 -10.60
CA GLY A 457 -8.27 -13.45 -10.38
C GLY A 457 -8.62 -13.79 -8.94
N THR A 458 -9.80 -13.31 -8.51
CA THR A 458 -10.29 -13.58 -7.16
C THR A 458 -11.14 -14.83 -7.16
N PRO A 459 -10.82 -15.85 -6.35
CA PRO A 459 -11.72 -17.00 -6.24
C PRO A 459 -13.03 -16.56 -5.60
N HIS A 460 -14.13 -17.17 -6.06
CA HIS A 460 -15.43 -17.04 -5.42
C HIS A 460 -15.69 -18.31 -4.64
N VAL A 461 -16.02 -18.18 -3.36
CA VAL A 461 -16.28 -19.36 -2.53
C VAL A 461 -17.72 -19.29 -2.06
N SER A 462 -18.48 -20.32 -2.38
CA SER A 462 -19.89 -20.36 -2.09
C SER A 462 -20.24 -21.62 -1.31
N PHE A 463 -21.38 -21.57 -0.61
CA PHE A 463 -21.73 -22.55 0.42
C PHE A 463 -23.16 -23.00 0.29
N LYS A 464 -23.40 -24.25 0.68
CA LYS A 464 -24.73 -24.75 0.92
C LYS A 464 -24.65 -25.54 2.21
N TYR A 465 -25.76 -25.66 2.94
CA TYR A 465 -25.72 -26.25 4.27
C TYR A 465 -26.80 -27.31 4.42
N ASN A 466 -26.53 -28.27 5.30
CA ASN A 466 -27.58 -29.22 5.64
C ASN A 466 -27.47 -29.53 7.13
N TYR A 467 -28.60 -29.55 7.81
CA TYR A 467 -28.62 -29.97 9.20
C TYR A 467 -29.61 -31.12 9.36
N ASP A 468 -29.14 -32.24 9.90
CA ASP A 468 -30.02 -33.35 10.27
C ASP A 468 -30.23 -33.34 11.77
N ALA A 469 -31.41 -32.89 12.21
CA ALA A 469 -31.63 -32.71 13.64
C ALA A 469 -31.62 -34.05 14.37
N GLU A 470 -32.21 -35.08 13.78
CA GLU A 470 -32.20 -36.40 14.39
C GLU A 470 -30.77 -36.95 14.50
N LYS A 471 -29.95 -36.74 13.48
CA LYS A 471 -28.58 -37.22 13.53
C LYS A 471 -27.62 -36.28 14.25
N LYS A 472 -28.05 -35.05 14.56
CA LYS A 472 -27.14 -34.01 15.08
C LYS A 472 -25.93 -33.85 14.18
N GLN A 473 -26.18 -33.83 12.88
CA GLN A 473 -25.14 -33.84 11.86
C GLN A 473 -25.30 -32.62 10.96
N TYR A 474 -24.23 -31.84 10.87
CA TYR A 474 -24.22 -30.59 10.12
C TYR A 474 -23.22 -30.72 8.97
N SER A 475 -23.63 -30.33 7.76
CA SER A 475 -22.77 -30.39 6.58
C SER A 475 -22.62 -29.00 5.98
N ILE A 476 -21.38 -28.67 5.61
CA ILE A 476 -21.08 -27.45 4.88
C ILE A 476 -20.54 -27.88 3.52
N HIS A 477 -21.30 -27.61 2.46
CA HIS A 477 -20.86 -27.91 1.10
CA HIS A 477 -20.86 -27.91 1.10
C HIS A 477 -20.21 -26.66 0.52
N VAL A 478 -18.97 -26.78 0.08
CA VAL A 478 -18.21 -25.60 -0.33
C VAL A 478 -17.81 -25.72 -1.79
N ASN A 479 -17.98 -24.63 -2.54
CA ASN A 479 -17.55 -24.59 -3.94
C ASN A 479 -16.60 -23.42 -4.16
N GLN A 480 -15.57 -23.63 -5.00
CA GLN A 480 -14.67 -22.55 -5.38
C GLN A 480 -14.67 -22.41 -6.91
N TYR A 481 -14.59 -21.16 -7.35
CA TYR A 481 -14.63 -20.85 -8.77
C TYR A 481 -13.86 -19.55 -9.00
N THR A 482 -12.89 -19.57 -9.92
CA THR A 482 -12.24 -18.34 -10.38
C THR A 482 -12.62 -18.11 -11.84
N LYS A 483 -13.08 -16.91 -12.15
CA LYS A 483 -13.46 -16.60 -13.54
C LYS A 483 -12.26 -16.62 -14.46
N PRO A 484 -12.35 -17.26 -15.62
CA PRO A 484 -11.29 -17.13 -16.63
C PRO A 484 -11.02 -15.66 -16.90
N ASP A 485 -9.77 -15.35 -17.22
CA ASP A 485 -9.40 -14.00 -17.60
C ASP A 485 -8.33 -14.11 -18.68
N GLU A 486 -7.65 -12.99 -18.97
CA GLU A 486 -6.66 -13.01 -20.05
C GLU A 486 -5.37 -13.71 -19.64
N ASN A 487 -5.18 -14.02 -18.36
CA ASN A 487 -3.95 -14.71 -17.97
C ASN A 487 -4.06 -16.22 -18.02
N GLN A 488 -5.21 -16.78 -17.62
CA GLN A 488 -5.45 -18.22 -17.72
C GLN A 488 -6.85 -18.42 -18.30
N LYS A 489 -6.92 -19.15 -19.41
CA LYS A 489 -8.19 -19.65 -19.91
C LYS A 489 -8.81 -20.65 -18.95
N GLU A 490 -8.02 -21.57 -18.40
CA GLU A 490 -8.52 -22.57 -17.47
C GLU A 490 -7.98 -22.23 -16.09
N LYS A 491 -8.87 -22.01 -15.14
CA LYS A 491 -8.46 -21.75 -13.78
C LYS A 491 -8.49 -23.05 -13.00
N LYS A 492 -7.62 -23.17 -12.01
CA LYS A 492 -7.49 -24.38 -11.23
C LYS A 492 -7.93 -24.15 -9.80
N PRO A 493 -8.36 -25.21 -9.09
CA PRO A 493 -8.73 -25.05 -7.69
C PRO A 493 -7.50 -24.69 -6.86
N LEU A 494 -7.68 -23.76 -5.94
CA LEU A 494 -6.61 -23.34 -5.04
C LEU A 494 -6.70 -24.06 -3.70
N PHE A 495 -5.59 -24.04 -2.96
CA PHE A 495 -5.57 -24.46 -1.55
C PHE A 495 -6.13 -23.30 -0.74
N ILE A 496 -7.40 -23.43 -0.33
CA ILE A 496 -8.12 -22.36 0.35
C ILE A 496 -8.35 -22.78 1.80
N PRO A 497 -7.73 -22.12 2.78
CA PRO A 497 -8.04 -22.40 4.19
C PRO A 497 -9.26 -21.63 4.64
N ILE A 498 -10.23 -22.31 5.21
CA ILE A 498 -11.47 -21.64 5.62
C ILE A 498 -11.58 -21.76 7.12
N SER A 499 -11.22 -20.69 7.83
N SER A 499 -11.22 -20.71 7.84
CA SER A 499 -11.35 -20.71 9.27
CA SER A 499 -11.35 -20.74 9.29
C SER A 499 -12.84 -20.61 9.61
C SER A 499 -12.82 -20.59 9.63
N VAL A 500 -13.35 -21.51 10.45
CA VAL A 500 -14.79 -21.54 10.70
C VAL A 500 -15.10 -21.71 12.17
N GLY A 501 -16.22 -21.10 12.60
CA GLY A 501 -16.87 -21.48 13.83
C GLY A 501 -18.32 -21.81 13.52
N LEU A 502 -19.01 -22.36 14.52
CA LEU A 502 -20.42 -22.66 14.39
C LEU A 502 -21.08 -22.01 15.60
N ILE A 503 -21.98 -21.07 15.35
CA ILE A 503 -22.63 -20.32 16.42
C ILE A 503 -23.97 -20.97 16.68
N ASN A 504 -24.24 -21.26 17.95
CA ASN A 504 -25.55 -21.69 18.40
C ASN A 504 -26.51 -20.50 18.37
N PRO A 505 -27.53 -20.51 17.51
CA PRO A 505 -28.40 -19.32 17.39
C PRO A 505 -29.25 -19.08 18.63
N GLU A 506 -29.38 -20.07 19.52
CA GLU A 506 -30.17 -19.88 20.74
C GLU A 506 -29.43 -19.07 21.80
N ASN A 507 -28.11 -19.23 21.92
CA ASN A 507 -27.37 -18.55 22.98
C ASN A 507 -26.13 -17.84 22.48
N GLY A 508 -25.90 -17.81 21.17
CA GLY A 508 -24.74 -17.16 20.63
C GLY A 508 -23.43 -17.82 20.94
N LYS A 509 -23.42 -19.03 21.49
CA LYS A 509 -22.15 -19.59 21.94
C LYS A 509 -21.46 -20.38 20.84
N GLU A 510 -20.13 -20.55 20.99
CA GLU A 510 -19.37 -21.43 20.10
C GLU A 510 -19.76 -22.89 20.33
N MET A 511 -19.83 -23.61 19.23
CA MET A 511 -20.41 -24.92 19.12
C MET A 511 -19.30 -25.95 18.89
N ILE A 512 -18.20 -25.50 18.28
CA ILE A 512 -17.02 -26.33 18.03
C ILE A 512 -15.75 -25.54 18.34
N SER A 513 -14.67 -26.28 18.53
CA SER A 513 -13.38 -25.64 18.66
C SER A 513 -12.95 -25.04 17.34
N GLN A 514 -12.01 -24.09 17.44
CA GLN A 514 -11.26 -23.54 16.31
C GLN A 514 -11.00 -24.57 15.24
N THR A 515 -11.44 -24.29 14.02
CA THR A 515 -11.29 -25.23 12.92
C THR A 515 -10.95 -24.50 11.65
N THR A 516 -9.98 -25.00 10.91
CA THR A 516 -9.65 -24.46 9.59
C THR A 516 -9.90 -25.56 8.60
N LEU A 517 -10.93 -25.39 7.78
CA LEU A 517 -11.20 -26.33 6.71
C LEU A 517 -10.20 -26.13 5.60
N GLU A 518 -9.60 -27.20 5.12
CA GLU A 518 -8.68 -27.12 4.00
C GLU A 518 -9.41 -27.50 2.73
N LEU A 519 -9.82 -26.51 1.95
CA LEU A 519 -10.51 -26.76 0.69
C LEU A 519 -9.43 -26.82 -0.40
N THR A 520 -9.23 -28.00 -0.98
CA THR A 520 -8.23 -28.15 -2.03
C THR A 520 -8.80 -28.63 -3.35
N LYS A 521 -10.09 -28.89 -3.42
CA LYS A 521 -10.75 -29.35 -4.62
C LYS A 521 -11.67 -28.25 -5.11
N GLU A 522 -12.28 -28.46 -6.28
CA GLU A 522 -13.22 -27.45 -6.75
C GLU A 522 -14.42 -27.38 -5.82
N SER A 523 -14.73 -28.50 -5.17
CA SER A 523 -15.80 -28.51 -4.18
C SER A 523 -15.53 -29.62 -3.17
N ASP A 524 -16.07 -29.43 -1.97
CA ASP A 524 -15.96 -30.43 -0.93
C ASP A 524 -17.14 -30.32 0.00
N THR A 525 -17.42 -31.38 0.73
CA THR A 525 -18.42 -31.32 1.79
C THR A 525 -17.76 -31.65 3.11
N PHE A 526 -17.90 -30.75 4.08
CA PHE A 526 -17.36 -30.91 5.43
C PHE A 526 -18.50 -31.20 6.39
N VAL A 527 -18.46 -32.36 7.03
CA VAL A 527 -19.53 -32.84 7.92
C VAL A 527 -19.07 -32.74 9.37
N PHE A 528 -20.00 -32.39 10.26
CA PHE A 528 -19.74 -32.24 11.68
C PHE A 528 -20.79 -33.01 12.44
N ASN A 529 -20.34 -33.93 13.30
CA ASN A 529 -21.26 -34.70 14.14
C ASN A 529 -21.43 -34.06 15.50
N ASN A 530 -22.44 -34.54 16.23
CA ASN A 530 -22.73 -34.08 17.57
C ASN A 530 -22.86 -32.56 17.59
N ILE A 531 -23.57 -32.04 16.60
CA ILE A 531 -24.01 -30.65 16.53
C ILE A 531 -25.45 -30.62 17.02
N ALA A 532 -25.64 -30.11 18.24
CA ALA A 532 -26.86 -30.39 18.99
C ALA A 532 -28.05 -29.64 18.44
N VAL A 533 -27.81 -28.62 17.63
CA VAL A 533 -28.83 -27.69 17.18
C VAL A 533 -28.33 -27.10 15.88
N LYS A 534 -29.26 -26.69 15.02
CA LYS A 534 -28.86 -26.10 13.75
C LYS A 534 -28.01 -24.85 13.98
N PRO A 535 -26.74 -24.84 13.57
CA PRO A 535 -25.89 -23.68 13.83
C PRO A 535 -26.06 -22.62 12.75
N ILE A 536 -25.49 -21.47 13.02
CA ILE A 536 -25.18 -20.48 11.98
C ILE A 536 -23.68 -20.54 11.76
N PRO A 537 -23.22 -20.80 10.54
CA PRO A 537 -21.78 -20.90 10.32
C PRO A 537 -21.14 -19.52 10.30
N SER A 538 -19.98 -19.45 10.95
CA SER A 538 -19.13 -18.26 10.98
C SER A 538 -17.97 -18.58 10.03
N LEU A 539 -18.06 -18.08 8.78
CA LEU A 539 -17.15 -18.54 7.73
C LEU A 539 -16.06 -17.53 7.39
N PHE A 540 -14.85 -18.09 7.15
CA PHE A 540 -13.66 -17.30 6.82
C PHE A 540 -13.30 -16.32 7.94
N ARG A 541 -13.29 -16.80 9.19
CA ARG A 541 -12.95 -15.95 10.31
C ARG A 541 -11.57 -15.31 10.08
N GLY A 542 -11.46 -14.04 10.47
CA GLY A 542 -10.23 -13.29 10.23
C GLY A 542 -10.00 -12.96 8.77
N PHE A 543 -11.00 -13.26 7.92
CA PHE A 543 -10.85 -13.25 6.45
C PHE A 543 -9.69 -14.15 6.03
N SER A 544 -9.94 -15.46 6.16
CA SER A 544 -8.83 -16.41 6.14
C SER A 544 -8.34 -16.76 4.74
N ALA A 545 -8.98 -16.26 3.69
CA ALA A 545 -8.46 -16.41 2.32
C ALA A 545 -8.97 -15.23 1.51
N PRO A 546 -8.21 -14.77 0.52
CA PRO A 546 -8.55 -13.54 -0.26
C PRO A 546 -9.52 -13.91 -1.40
N VAL A 547 -10.80 -14.03 -1.04
CA VAL A 547 -11.80 -14.60 -1.94
C VAL A 547 -13.08 -13.79 -1.79
N TYR A 548 -13.95 -13.92 -2.79
CA TYR A 548 -15.33 -13.48 -2.68
C TYR A 548 -16.08 -14.52 -1.85
N ILE A 549 -16.63 -14.12 -0.73
CA ILE A 549 -17.39 -15.04 0.12
C ILE A 549 -18.86 -14.93 -0.23
N GLU A 550 -19.47 -16.04 -0.60
CA GLU A 550 -20.88 -16.09 -0.94
C GLU A 550 -21.49 -16.98 0.15
N ASP A 551 -21.94 -16.37 1.26
CA ASP A 551 -22.25 -17.16 2.44
C ASP A 551 -23.65 -17.81 2.38
N GLN A 552 -24.51 -17.39 1.43
CA GLN A 552 -25.88 -17.91 1.27
C GLN A 552 -26.65 -17.98 2.58
N LEU A 553 -26.39 -17.04 3.48
CA LEU A 553 -27.14 -16.93 4.72
C LEU A 553 -28.30 -15.95 4.56
N THR A 554 -29.33 -16.13 5.36
CA THR A 554 -30.41 -15.16 5.35
C THR A 554 -29.98 -13.88 6.09
N ASP A 555 -30.75 -12.80 5.90
CA ASP A 555 -30.37 -11.61 6.65
C ASP A 555 -30.57 -11.81 8.14
N GLU A 556 -31.54 -12.64 8.53
CA GLU A 556 -31.73 -12.99 9.94
C GLU A 556 -30.50 -13.70 10.50
N GLU A 557 -29.95 -14.66 9.74
CA GLU A 557 -28.72 -15.33 10.15
C GLU A 557 -27.56 -14.35 10.26
N ARG A 558 -27.42 -13.48 9.26
CA ARG A 558 -26.32 -12.52 9.28
C ARG A 558 -26.47 -11.56 10.42
N ILE A 559 -27.70 -11.16 10.72
CA ILE A 559 -27.92 -10.27 11.85
C ILE A 559 -27.47 -10.95 13.13
N LEU A 560 -27.73 -12.26 13.25
CA LEU A 560 -27.39 -12.88 14.51
C LEU A 560 -25.87 -12.99 14.65
N LEU A 561 -25.17 -13.21 13.55
CA LEU A 561 -23.71 -13.25 13.59
C LEU A 561 -23.17 -11.87 13.94
N LEU A 562 -23.75 -10.84 13.31
CA LEU A 562 -23.35 -9.46 13.59
C LEU A 562 -23.46 -9.15 15.08
N LYS A 563 -24.52 -9.62 15.73
CA LYS A 563 -24.67 -9.32 17.15
C LYS A 563 -23.83 -10.23 18.02
N TYR A 564 -23.69 -11.50 17.64
CA TYR A 564 -23.24 -12.48 18.61
C TYR A 564 -21.98 -13.26 18.25
N ASP A 565 -21.50 -13.21 17.02
CA ASP A 565 -20.33 -14.02 16.67
C ASP A 565 -19.11 -13.47 17.41
N SER A 566 -18.11 -14.34 17.61
CA SER A 566 -16.88 -13.92 18.27
C SER A 566 -15.90 -13.25 17.32
N ASP A 567 -16.02 -13.49 16.02
CA ASP A 567 -15.01 -13.04 15.07
C ASP A 567 -15.34 -11.66 14.51
N ALA A 568 -14.44 -10.71 14.70
CA ALA A 568 -14.69 -9.36 14.21
C ALA A 568 -14.94 -9.35 12.71
N PHE A 569 -14.10 -10.06 11.94
CA PHE A 569 -14.31 -10.01 10.50
C PHE A 569 -15.68 -10.58 10.12
N VAL A 570 -16.06 -11.73 10.67
CA VAL A 570 -17.35 -12.28 10.20
C VAL A 570 -18.50 -11.35 10.56
N ARG A 571 -18.40 -10.65 11.69
CA ARG A 571 -19.45 -9.69 12.05
C ARG A 571 -19.49 -8.56 11.03
N TYR A 572 -18.31 -7.97 10.76
CA TYR A 572 -18.15 -6.93 9.75
C TYR A 572 -18.61 -7.43 8.38
N ASN A 573 -18.29 -8.67 8.03
CA ASN A 573 -18.69 -9.15 6.73
C ASN A 573 -20.18 -9.45 6.68
N SER A 574 -20.73 -9.91 7.79
CA SER A 574 -22.16 -10.16 7.76
C SER A 574 -22.91 -8.84 7.56
N CYS A 575 -22.47 -7.80 8.26
CA CYS A 575 -23.00 -6.45 8.04
C CYS A 575 -22.80 -6.02 6.59
N THR A 576 -21.58 -6.20 6.05
CA THR A 576 -21.31 -5.90 4.65
C THR A 576 -22.30 -6.60 3.73
N ASN A 577 -22.59 -7.87 4.01
CA ASN A 577 -23.43 -8.66 3.12
C ASN A 577 -24.88 -8.19 3.18
N ILE A 578 -25.36 -7.87 4.38
CA ILE A 578 -26.69 -7.27 4.52
C ILE A 578 -26.77 -5.99 3.69
N TYR A 579 -25.78 -5.11 3.84
CA TYR A 579 -25.78 -3.88 3.05
C TYR A 579 -25.76 -4.18 1.56
N MET A 580 -24.91 -5.12 1.13
CA MET A 580 -24.82 -5.40 -0.30
C MET A 580 -26.15 -5.91 -0.86
N LYS A 581 -26.84 -6.80 -0.13
CA LYS A 581 -28.14 -7.25 -0.62
C LYS A 581 -29.09 -6.07 -0.79
N GLN A 582 -29.08 -5.16 0.17
CA GLN A 582 -29.92 -3.96 0.12
C GLN A 582 -29.55 -3.08 -1.05
N ILE A 583 -28.25 -2.82 -1.20
CA ILE A 583 -27.78 -1.95 -2.28
C ILE A 583 -28.15 -2.53 -3.64
N LEU A 584 -27.92 -3.83 -3.83
CA LEU A 584 -28.23 -4.40 -5.14
C LEU A 584 -29.73 -4.30 -5.42
N MET A 585 -30.55 -4.53 -4.39
CA MET A 585 -31.99 -4.48 -4.59
C MET A 585 -32.45 -3.06 -4.92
N ASN A 586 -32.05 -2.08 -4.10
CA ASN A 586 -32.44 -0.69 -4.34
C ASN A 586 -31.83 -0.15 -5.64
N TYR A 587 -30.59 -0.52 -5.92
CA TYR A 587 -29.99 -0.13 -7.20
C TYR A 587 -30.88 -0.57 -8.37
N ASN A 588 -31.29 -1.83 -8.37
CA ASN A 588 -32.09 -2.35 -9.48
CA ASN A 588 -32.07 -2.31 -9.50
C ASN A 588 -33.45 -1.65 -9.56
N GLU A 589 -34.03 -1.33 -8.40
CA GLU A 589 -35.33 -0.65 -8.40
C GLU A 589 -35.20 0.77 -8.93
N PHE A 590 -34.18 1.51 -8.47
CA PHE A 590 -33.90 2.83 -9.02
C PHE A 590 -33.60 2.76 -10.52
N LEU A 591 -32.80 1.75 -10.93
CA LEU A 591 -32.43 1.62 -12.34
C LEU A 591 -33.64 1.38 -13.22
N LYS A 592 -34.52 0.49 -12.80
CA LYS A 592 -35.73 0.19 -13.56
C LYS A 592 -36.61 1.44 -13.71
N ALA A 593 -36.75 2.20 -12.63
CA ALA A 593 -37.57 3.41 -12.69
C ALA A 593 -36.99 4.39 -13.70
N LYS A 594 -35.66 4.58 -13.64
CA LYS A 594 -34.95 5.39 -14.62
C LYS A 594 -35.13 4.86 -16.02
N ASN A 595 -34.87 3.56 -16.22
CA ASN A 595 -34.97 2.97 -17.56
C ASN A 595 -36.39 3.06 -18.08
N GLU A 596 -37.37 2.79 -17.24
CA GLU A 596 -38.75 2.82 -17.70
C GLU A 596 -39.37 4.18 -17.56
N LYS A 597 -38.61 5.19 -17.11
CA LYS A 597 -39.13 6.56 -17.03
C LYS A 597 -40.42 6.59 -16.21
N LEU A 598 -40.40 5.90 -15.07
CA LEU A 598 -41.58 5.75 -14.22
C LEU A 598 -41.89 7.06 -13.53
N GLU A 599 -43.18 7.39 -13.47
CA GLU A 599 -43.58 8.58 -12.72
C GLU A 599 -43.72 8.30 -11.23
N SER A 600 -43.86 7.03 -10.86
CA SER A 600 -43.84 6.61 -9.48
C SER A 600 -43.37 5.17 -9.45
N PHE A 601 -42.82 4.78 -8.29
CA PHE A 601 -42.31 3.44 -8.13
C PHE A 601 -42.06 3.22 -6.63
N GLN A 602 -41.70 1.99 -6.28
CA GLN A 602 -41.42 1.68 -4.89
C GLN A 602 -39.96 1.28 -4.70
N LEU A 603 -39.49 1.49 -3.48
CA LEU A 603 -38.17 1.07 -3.05
C LEU A 603 -38.31 0.12 -1.86
N THR A 604 -37.53 -0.95 -1.84
CA THR A 604 -37.61 -1.87 -0.70
C THR A 604 -36.92 -1.25 0.52
N PRO A 605 -37.59 -1.09 1.65
CA PRO A 605 -36.93 -0.50 2.81
C PRO A 605 -35.81 -1.37 3.36
N VAL A 606 -34.94 -0.72 4.13
CA VAL A 606 -33.90 -1.41 4.87
C VAL A 606 -34.54 -2.28 5.93
N ASN A 607 -34.02 -3.50 6.06
CA ASN A 607 -34.47 -4.46 7.06
C ASN A 607 -34.47 -3.82 8.45
N ALA A 608 -35.66 -3.82 9.08
CA ALA A 608 -35.81 -3.13 10.36
C ALA A 608 -35.03 -3.83 11.48
N GLN A 609 -34.96 -5.16 11.45
CA GLN A 609 -34.17 -5.87 12.46
C GLN A 609 -32.67 -5.61 12.29
N PHE A 610 -32.22 -5.35 11.06
CA PHE A 610 -30.82 -4.94 10.87
C PHE A 610 -30.57 -3.59 11.53
N ILE A 611 -31.48 -2.63 11.33
CA ILE A 611 -31.32 -1.33 11.97
C ILE A 611 -31.34 -1.46 13.50
N ASP A 612 -32.24 -2.30 14.05
CA ASP A 612 -32.22 -2.59 15.48
C ASP A 612 -30.89 -3.16 15.94
N ALA A 613 -30.25 -3.98 15.10
CA ALA A 613 -28.98 -4.61 15.46
C ALA A 613 -27.86 -3.58 15.46
N ILE A 614 -27.82 -2.69 14.47
CA ILE A 614 -26.90 -1.56 14.52
C ILE A 614 -27.07 -0.78 15.82
N LYS A 615 -28.31 -0.48 16.19
CA LYS A 615 -28.56 0.29 17.41
C LYS A 615 -28.02 -0.44 18.62
N TYR A 616 -28.32 -1.73 18.72
CA TYR A 616 -27.84 -2.56 19.80
C TYR A 616 -26.32 -2.50 19.91
N LEU A 617 -25.63 -2.61 18.78
CA LEU A 617 -24.17 -2.57 18.83
C LEU A 617 -23.66 -1.18 19.16
N LEU A 618 -24.25 -0.15 18.59
CA LEU A 618 -23.79 1.20 18.93
C LEU A 618 -23.94 1.47 20.42
N GLU A 619 -24.97 0.91 21.03
CA GLU A 619 -25.20 1.18 22.43
C GLU A 619 -24.46 0.22 23.34
N ASP A 620 -23.75 -0.75 22.79
CA ASP A 620 -22.93 -1.64 23.60
C ASP A 620 -21.65 -0.93 24.03
N PRO A 621 -21.51 -0.59 25.32
CA PRO A 621 -20.31 0.14 25.75
C PRO A 621 -19.05 -0.69 25.69
N HIS A 622 -19.15 -2.01 25.62
CA HIS A 622 -17.96 -2.84 25.48
C HIS A 622 -17.55 -3.06 24.05
N ALA A 623 -18.40 -2.68 23.08
CA ALA A 623 -18.04 -2.85 21.68
C ALA A 623 -17.01 -1.81 21.24
N ASP A 624 -16.15 -2.23 20.31
CA ASP A 624 -15.05 -1.42 19.82
C ASP A 624 -15.55 -0.27 18.94
N ALA A 625 -15.12 0.95 19.28
CA ALA A 625 -15.59 2.15 18.60
C ALA A 625 -15.20 2.15 17.13
N GLY A 626 -14.03 1.62 16.78
CA GLY A 626 -13.66 1.54 15.38
C GLY A 626 -14.57 0.60 14.61
N PHE A 627 -14.91 -0.53 15.23
CA PHE A 627 -15.83 -1.48 14.62
C PHE A 627 -17.19 -0.82 14.38
N LYS A 628 -17.66 -0.07 15.37
CA LYS A 628 -18.92 0.66 15.25
C LYS A 628 -18.90 1.60 14.05
N SER A 629 -17.75 2.24 13.81
N SER A 629 -17.75 2.24 13.80
CA SER A 629 -17.65 3.15 12.68
CA SER A 629 -17.66 3.15 12.67
C SER A 629 -17.83 2.43 11.36
C SER A 629 -17.83 2.43 11.35
N TYR A 630 -17.38 1.17 11.27
CA TYR A 630 -17.61 0.39 10.06
C TYR A 630 -19.08 0.01 9.90
N ILE A 631 -19.78 -0.34 10.99
CA ILE A 631 -21.15 -0.85 10.79
C ILE A 631 -22.11 0.25 10.35
N VAL A 632 -21.86 1.53 10.67
CA VAL A 632 -22.76 2.60 10.20
C VAL A 632 -22.36 3.14 8.84
N SER A 633 -21.33 2.56 8.21
CA SER A 633 -20.80 3.03 6.95
C SER A 633 -21.14 2.00 5.90
N LEU A 634 -21.67 2.44 4.76
CA LEU A 634 -21.95 1.50 3.69
C LEU A 634 -20.64 1.02 3.09
N PRO A 635 -20.65 -0.14 2.42
CA PRO A 635 -19.44 -0.62 1.77
C PRO A 635 -18.91 0.41 0.77
N GLN A 636 -17.57 0.41 0.62
CA GLN A 636 -16.90 1.28 -0.33
C GLN A 636 -17.47 1.12 -1.72
N ASP A 637 -17.56 2.25 -2.46
CA ASP A 637 -17.98 2.19 -3.85
C ASP A 637 -17.12 1.22 -4.66
N ARG A 638 -15.82 1.14 -4.37
CA ARG A 638 -15.01 0.24 -5.19
C ARG A 638 -15.14 -1.22 -4.77
N TYR A 639 -15.76 -1.51 -3.61
CA TYR A 639 -16.19 -2.88 -3.33
C TYR A 639 -17.47 -3.19 -4.08
N ILE A 640 -18.44 -2.26 -4.02
CA ILE A 640 -19.75 -2.45 -4.64
C ILE A 640 -19.63 -2.69 -6.13
N ILE A 641 -18.72 -1.98 -6.80
CA ILE A 641 -18.71 -2.06 -8.25
C ILE A 641 -18.32 -3.45 -8.74
N ASN A 642 -17.66 -4.26 -7.90
CA ASN A 642 -17.42 -5.64 -8.32
C ASN A 642 -18.69 -6.45 -8.43
N PHE A 643 -19.82 -5.95 -7.97
CA PHE A 643 -21.05 -6.75 -7.96
C PHE A 643 -22.11 -6.25 -8.94
N VAL A 644 -21.84 -5.19 -9.70
CA VAL A 644 -22.82 -4.57 -10.59
C VAL A 644 -22.24 -4.44 -11.98
N SER A 645 -22.94 -4.94 -12.99
CA SER A 645 -22.53 -4.68 -14.37
C SER A 645 -23.00 -3.31 -14.79
N ASN A 646 -22.20 -2.62 -15.59
CA ASN A 646 -22.64 -1.38 -16.25
C ASN A 646 -23.15 -0.38 -15.21
N LEU A 647 -22.39 -0.25 -14.14
CA LEU A 647 -22.85 0.50 -13.00
C LEU A 647 -23.04 1.96 -13.35
N ASP A 648 -24.28 2.42 -13.16
CA ASP A 648 -24.63 3.82 -13.29
C ASP A 648 -24.33 4.51 -11.96
N THR A 649 -23.34 5.38 -11.96
CA THR A 649 -22.88 5.97 -10.71
C THR A 649 -23.92 6.90 -10.09
N ASP A 650 -24.79 7.51 -10.91
CA ASP A 650 -25.86 8.33 -10.35
C ASP A 650 -26.86 7.46 -9.61
N VAL A 651 -27.22 6.33 -10.22
CA VAL A 651 -28.13 5.40 -9.58
C VAL A 651 -27.51 4.85 -8.31
N LEU A 652 -26.21 4.55 -8.33
CA LEU A 652 -25.57 4.10 -7.09
C LEU A 652 -25.60 5.20 -6.03
N ALA A 653 -25.31 6.43 -6.44
CA ALA A 653 -25.40 7.55 -5.52
C ALA A 653 -26.80 7.65 -4.91
N ASP A 654 -27.85 7.55 -5.74
CA ASP A 654 -29.21 7.58 -5.21
C ASP A 654 -29.47 6.41 -4.27
N THR A 655 -28.95 5.23 -4.60
CA THR A 655 -29.14 4.05 -3.77
C THR A 655 -28.50 4.24 -2.40
N LYS A 656 -27.26 4.72 -2.35
CA LYS A 656 -26.62 4.92 -1.06
C LYS A 656 -27.35 5.98 -0.26
N GLU A 657 -27.78 7.06 -0.91
CA GLU A 657 -28.47 8.12 -0.20
C GLU A 657 -29.73 7.59 0.45
N TYR A 658 -30.51 6.82 -0.31
CA TYR A 658 -31.74 6.26 0.22
C TYR A 658 -31.46 5.40 1.44
N ILE A 659 -30.45 4.53 1.35
CA ILE A 659 -30.18 3.61 2.45
C ILE A 659 -29.67 4.36 3.66
N TYR A 660 -28.75 5.32 3.46
CA TYR A 660 -28.30 6.13 4.58
C TYR A 660 -29.46 6.89 5.22
N LYS A 661 -30.38 7.41 4.41
CA LYS A 661 -31.52 8.16 4.95
C LYS A 661 -32.47 7.24 5.72
N GLN A 662 -32.75 6.06 5.17
CA GLN A 662 -33.57 5.05 5.84
C GLN A 662 -33.04 4.77 7.24
N ILE A 663 -31.73 4.55 7.35
CA ILE A 663 -31.15 4.21 8.64
C ILE A 663 -31.11 5.43 9.55
N GLY A 664 -30.66 6.57 9.02
CA GLY A 664 -30.60 7.79 9.83
C GLY A 664 -31.95 8.21 10.35
N ASP A 665 -33.01 8.05 9.53
CA ASP A 665 -34.37 8.36 10.00
C ASP A 665 -34.71 7.59 11.27
N LYS A 666 -34.15 6.39 11.44
CA LYS A 666 -34.39 5.66 12.68
C LYS A 666 -33.34 5.92 13.75
N LEU A 667 -32.07 6.11 13.39
CA LEU A 667 -31.02 6.12 14.40
C LEU A 667 -30.40 7.48 14.67
N ASN A 668 -30.82 8.57 14.02
CA ASN A 668 -30.06 9.81 14.17
C ASN A 668 -29.99 10.27 15.62
N ASP A 669 -31.09 10.12 16.38
CA ASP A 669 -31.05 10.49 17.78
C ASP A 669 -30.00 9.68 18.54
N VAL A 670 -29.85 8.40 18.20
CA VAL A 670 -28.79 7.58 18.79
C VAL A 670 -27.43 8.11 18.37
N TYR A 671 -27.27 8.41 17.07
CA TYR A 671 -25.98 8.94 16.59
C TYR A 671 -25.62 10.23 17.32
N TYR A 672 -26.59 11.13 17.45
CA TYR A 672 -26.34 12.38 18.16
C TYR A 672 -25.96 12.14 19.61
N LYS A 673 -26.70 11.25 20.28
CA LYS A 673 -26.42 10.99 21.69
C LYS A 673 -25.02 10.41 21.86
N MET A 674 -24.63 9.49 20.97
CA MET A 674 -23.28 8.93 21.05
C MET A 674 -22.24 9.97 20.70
N PHE A 675 -22.49 10.76 19.66
CA PHE A 675 -21.54 11.84 19.34
C PHE A 675 -21.25 12.70 20.56
N LYS A 676 -22.28 13.01 21.35
CA LYS A 676 -22.08 13.83 22.53
C LYS A 676 -21.40 13.04 23.65
N SER A 677 -21.80 11.80 23.89
CA SER A 677 -21.28 11.12 25.06
C SER A 677 -19.85 10.66 24.86
N LEU A 678 -19.44 10.48 23.60
CA LEU A 678 -18.10 10.09 23.26
C LEU A 678 -17.10 11.23 23.42
N GLU A 679 -17.58 12.48 23.56
CA GLU A 679 -16.69 13.62 23.45
C GLU A 679 -15.54 13.53 24.46
N ALA A 680 -15.86 13.30 25.75
CA ALA A 680 -14.85 13.40 26.80
C ALA A 680 -13.68 12.45 26.56
N LYS A 681 -13.96 11.16 26.30
CA LYS A 681 -12.86 10.23 26.07
C LYS A 681 -12.22 10.42 24.71
N ALA A 682 -13.01 10.71 23.68
CA ALA A 682 -12.42 10.84 22.35
C ALA A 682 -11.44 12.00 22.30
N ASP A 683 -11.78 13.13 22.91
CA ASP A 683 -11.02 14.36 22.70
C ASP A 683 -10.12 14.67 23.88
N ASP A 684 -9.95 13.71 24.78
CA ASP A 684 -9.14 13.90 25.97
C ASP A 684 -7.77 14.45 25.57
N LEU A 685 -7.39 15.57 26.21
CA LEU A 685 -6.15 16.27 25.91
C LEU A 685 -5.03 15.94 26.89
N THR A 686 -5.23 15.00 27.83
CA THR A 686 -4.24 14.70 28.87
C THR A 686 -2.83 14.52 28.29
N TYR A 687 -2.72 13.80 27.17
CA TYR A 687 -1.43 13.48 26.58
C TYR A 687 -1.17 14.20 25.27
N PHE A 688 -1.89 15.29 25.01
CA PHE A 688 -1.74 16.02 23.74
C PHE A 688 -0.30 16.51 23.53
N ASN A 689 0.44 16.80 24.61
CA ASN A 689 1.81 17.23 24.43
C ASN A 689 2.82 16.14 24.72
N ASP A 690 2.40 14.90 24.76
CA ASP A 690 3.31 13.76 24.87
C ASP A 690 3.25 12.98 23.57
N GLU A 691 4.31 13.10 22.78
CA GLU A 691 4.36 12.51 21.44
C GLU A 691 4.67 11.02 21.51
N SER A 692 4.94 10.51 22.70
CA SER A 692 5.19 9.09 22.86
C SER A 692 3.94 8.32 23.17
N HIS A 693 2.87 9.02 23.54
CA HIS A 693 1.65 8.42 24.03
C HIS A 693 0.62 8.41 22.91
N VAL A 694 0.38 7.23 22.33
CA VAL A 694 -0.52 7.09 21.20
C VAL A 694 -1.55 6.03 21.58
N ASP A 695 -2.82 6.38 21.48
CA ASP A 695 -3.89 5.55 22.00
C ASP A 695 -4.80 5.28 20.80
N PHE A 696 -4.68 4.06 20.26
CA PHE A 696 -5.43 3.74 19.05
C PHE A 696 -6.91 3.60 19.33
N ASP A 697 -7.28 3.19 20.54
CA ASP A 697 -8.70 3.19 20.91
C ASP A 697 -9.28 4.60 20.89
N GLN A 698 -8.58 5.55 21.52
CA GLN A 698 -9.05 6.92 21.53
C GLN A 698 -9.21 7.48 20.12
N MET A 699 -8.22 7.23 19.27
CA MET A 699 -8.29 7.61 17.86
C MET A 699 -9.50 6.98 17.18
N ASN A 700 -9.78 5.70 17.49
CA ASN A 700 -11.00 5.07 16.96
C ASN A 700 -12.28 5.74 17.48
N MET A 701 -12.28 6.23 18.72
CA MET A 701 -13.47 6.94 19.15
C MET A 701 -13.63 8.26 18.41
N ARG A 702 -12.53 8.91 18.07
CA ARG A 702 -12.64 10.09 17.23
C ARG A 702 -13.15 9.72 15.84
N THR A 703 -12.64 8.63 15.27
CA THR A 703 -13.18 8.16 13.99
C THR A 703 -14.69 7.97 14.08
N LEU A 704 -15.14 7.29 15.13
CA LEU A 704 -16.59 7.10 15.29
C LEU A 704 -17.31 8.43 15.43
N ARG A 705 -16.77 9.34 16.24
CA ARG A 705 -17.43 10.64 16.41
C ARG A 705 -17.51 11.38 15.10
N ASN A 706 -16.42 11.35 14.33
CA ASN A 706 -16.39 12.08 13.07
C ASN A 706 -17.23 11.42 12.00
N THR A 707 -17.38 10.09 12.08
CA THR A 707 -18.32 9.39 11.20
C THR A 707 -19.76 9.74 11.54
N LEU A 708 -20.11 9.70 12.83
CA LEU A 708 -21.44 10.06 13.26
C LEU A 708 -21.75 11.51 12.90
N LEU A 709 -20.78 12.41 13.11
CA LEU A 709 -21.00 13.81 12.77
C LEU A 709 -21.29 13.97 11.29
N SER A 710 -20.53 13.28 10.45
CA SER A 710 -20.78 13.30 9.01
C SER A 710 -22.20 12.83 8.69
N LEU A 711 -22.62 11.72 9.29
CA LEU A 711 -23.97 11.22 9.06
C LEU A 711 -25.01 12.25 9.46
N LEU A 712 -24.83 12.86 10.64
CA LEU A 712 -25.81 13.81 11.11
C LEU A 712 -25.80 15.08 10.27
N SER A 713 -24.64 15.45 9.74
CA SER A 713 -24.57 16.68 8.93
C SER A 713 -25.23 16.46 7.57
N LYS A 714 -25.00 15.31 6.94
CA LYS A 714 -25.71 15.02 5.69
C LYS A 714 -27.22 14.95 5.93
N ALA A 715 -27.64 14.43 7.08
CA ALA A 715 -29.04 14.36 7.44
C ALA A 715 -29.67 15.71 7.77
N GLN A 716 -28.86 16.77 7.89
CA GLN A 716 -29.33 18.07 8.37
C GLN A 716 -30.02 17.95 9.72
N TYR A 717 -29.42 17.14 10.59
CA TYR A 717 -29.97 16.94 11.92
C TYR A 717 -30.14 18.29 12.62
N PRO A 718 -31.23 18.49 13.37
CA PRO A 718 -31.52 19.83 13.91
C PRO A 718 -30.36 20.45 14.66
N ASN A 719 -30.01 21.67 14.26
CA ASN A 719 -28.99 22.47 14.90
C ASN A 719 -27.62 21.81 14.90
N ILE A 720 -27.36 20.84 14.00
CA ILE A 720 -26.04 20.20 13.98
C ILE A 720 -24.93 21.18 13.60
N LEU A 721 -25.25 22.27 12.88
CA LEU A 721 -24.22 23.26 12.56
C LEU A 721 -23.59 23.83 13.81
N ASN A 722 -24.32 23.89 14.93
CA ASN A 722 -23.70 24.30 16.18
C ASN A 722 -22.60 23.33 16.58
N GLU A 723 -22.85 22.02 16.44
CA GLU A 723 -21.84 21.04 16.79
C GLU A 723 -20.64 21.15 15.86
N ILE A 724 -20.90 21.35 14.57
CA ILE A 724 -19.84 21.50 13.58
C ILE A 724 -18.94 22.68 13.92
N ILE A 725 -19.53 23.82 14.30
CA ILE A 725 -18.74 25.01 14.62
C ILE A 725 -17.90 24.77 15.85
N GLU A 726 -18.50 24.22 16.90
CA GLU A 726 -17.72 23.88 18.10
C GLU A 726 -16.61 22.89 17.79
N HIS A 727 -16.88 21.95 16.89
CA HIS A 727 -15.89 20.92 16.56
C HIS A 727 -14.73 21.52 15.77
N SER A 728 -14.97 22.62 15.07
CA SER A 728 -13.87 23.33 14.39
C SER A 728 -12.87 23.94 15.35
N LYS A 729 -13.21 24.03 16.64
CA LYS A 729 -12.33 24.60 17.66
C LYS A 729 -11.52 23.54 18.39
N SER A 730 -11.68 22.28 18.04
CA SER A 730 -10.91 21.22 18.68
C SER A 730 -9.43 21.35 18.36
N PRO A 731 -8.54 21.02 19.31
CA PRO A 731 -7.10 21.02 19.01
C PRO A 731 -6.69 19.92 18.04
N TYR A 732 -7.50 18.86 17.86
CA TYR A 732 -7.09 17.72 17.04
C TYR A 732 -7.42 17.98 15.58
N PRO A 733 -6.44 17.93 14.68
CA PRO A 733 -6.75 18.14 13.25
C PRO A 733 -7.76 17.16 12.67
N SER A 734 -7.83 15.91 13.14
CA SER A 734 -8.87 15.03 12.64
C SER A 734 -10.25 15.62 12.90
N ASN A 735 -10.42 16.32 14.02
CA ASN A 735 -11.69 16.96 14.33
C ASN A 735 -11.88 18.22 13.51
N TRP A 736 -10.89 19.14 13.52
CA TRP A 736 -11.22 20.39 12.85
C TRP A 736 -11.18 20.27 11.32
N LEU A 737 -10.47 19.28 10.77
CA LEU A 737 -10.62 19.05 9.33
C LEU A 737 -11.96 18.38 9.03
N THR A 738 -12.40 17.44 9.87
CA THR A 738 -13.75 16.91 9.72
C THR A 738 -14.77 18.02 9.72
N SER A 739 -14.57 19.04 10.57
CA SER A 739 -15.56 20.12 10.64
C SER A 739 -15.65 20.85 9.31
N LEU A 740 -14.51 21.05 8.64
CA LEU A 740 -14.52 21.58 7.28
C LEU A 740 -15.37 20.70 6.34
N SER A 741 -15.06 19.40 6.28
N SER A 741 -15.04 19.40 6.29
CA SER A 741 -15.74 18.55 5.29
CA SER A 741 -15.70 18.50 5.35
C SER A 741 -17.24 18.43 5.57
C SER A 741 -17.21 18.45 5.59
N VAL A 742 -17.64 18.27 6.84
CA VAL A 742 -19.07 18.14 7.11
C VAL A 742 -19.79 19.47 7.01
N SER A 743 -19.08 20.60 7.11
CA SER A 743 -19.70 21.89 6.87
C SER A 743 -20.06 22.13 5.39
N ALA A 744 -19.61 21.25 4.48
CA ALA A 744 -19.97 21.37 3.07
C ALA A 744 -21.46 21.56 2.85
N TYR A 745 -22.29 20.96 3.70
CA TYR A 745 -23.73 21.02 3.54
C TYR A 745 -24.33 22.32 4.10
N PHE A 746 -23.51 23.28 4.50
CA PHE A 746 -24.00 24.48 5.18
C PHE A 746 -23.37 25.73 4.57
N ASP A 747 -23.98 26.87 4.88
CA ASP A 747 -23.46 28.14 4.39
C ASP A 747 -22.15 28.52 5.05
N LYS A 748 -21.72 27.80 6.09
CA LYS A 748 -20.51 28.12 6.82
C LYS A 748 -19.27 27.49 6.19
N TYR A 749 -19.43 26.78 5.09
CA TYR A 749 -18.33 26.02 4.50
C TYR A 749 -17.10 26.91 4.26
N PHE A 750 -17.28 28.01 3.51
CA PHE A 750 -16.11 28.80 3.16
C PHE A 750 -15.55 29.55 4.36
N GLU A 751 -16.39 29.87 5.35
CA GLU A 751 -15.85 30.35 6.62
C GLU A 751 -14.90 29.33 7.23
N LEU A 752 -15.30 28.05 7.25
CA LEU A 752 -14.42 27.03 7.82
C LEU A 752 -13.28 26.71 6.87
N TYR A 753 -13.50 26.84 5.57
CA TYR A 753 -12.43 26.73 4.58
C TYR A 753 -11.29 27.68 4.90
N ASP A 754 -11.62 28.97 5.07
CA ASP A 754 -10.60 29.97 5.39
C ASP A 754 -10.00 29.71 6.78
N LYS A 755 -10.83 29.37 7.76
CA LYS A 755 -10.30 29.11 9.10
C LYS A 755 -9.28 27.97 9.08
N THR A 756 -9.68 26.83 8.51
CA THR A 756 -8.79 25.66 8.54
C THR A 756 -7.58 25.85 7.63
N TYR A 757 -7.71 26.62 6.55
CA TYR A 757 -6.53 26.96 5.75
C TYR A 757 -5.49 27.68 6.59
N LYS A 758 -5.95 28.68 7.33
CA LYS A 758 -5.04 29.42 8.19
C LYS A 758 -4.41 28.52 9.23
N LEU A 759 -5.17 27.55 9.75
CA LEU A 759 -4.60 26.59 10.70
C LEU A 759 -3.58 25.67 10.04
N SER A 760 -3.74 25.39 8.73
CA SER A 760 -2.95 24.39 8.04
C SER A 760 -1.76 24.94 7.28
N LYS A 761 -1.78 26.23 6.91
CA LYS A 761 -0.88 26.70 5.87
C LYS A 761 0.61 26.71 6.26
N ASP A 762 0.97 26.68 7.54
CA ASP A 762 2.39 26.80 7.92
C ASP A 762 3.04 25.46 8.26
N ASP A 763 2.34 24.35 8.02
CA ASP A 763 2.91 23.01 8.14
C ASP A 763 2.69 22.31 6.81
N GLU A 764 3.79 22.00 6.13
CA GLU A 764 3.73 21.38 4.80
C GLU A 764 2.76 20.21 4.75
N LEU A 765 2.89 19.31 5.72
CA LEU A 765 2.10 18.08 5.69
C LEU A 765 0.65 18.35 6.07
N LEU A 766 0.44 19.24 7.04
CA LEU A 766 -0.93 19.61 7.41
C LEU A 766 -1.65 20.28 6.25
N LEU A 767 -0.96 21.15 5.52
CA LEU A 767 -1.58 21.77 4.35
C LEU A 767 -2.02 20.71 3.35
N GLN A 768 -1.22 19.67 3.18
CA GLN A 768 -1.61 18.62 2.26
C GLN A 768 -2.85 17.89 2.76
N GLU A 769 -2.96 17.69 4.09
CA GLU A 769 -4.19 17.12 4.62
C GLU A 769 -5.37 18.06 4.40
N TRP A 770 -5.15 19.37 4.54
CA TRP A 770 -6.23 20.31 4.24
C TRP A 770 -6.64 20.19 2.79
N LEU A 771 -5.66 20.12 1.89
CA LEU A 771 -5.99 19.99 0.47
C LEU A 771 -6.83 18.74 0.22
N LYS A 772 -6.44 17.61 0.82
CA LYS A 772 -7.26 16.38 0.69
C LYS A 772 -8.68 16.62 1.17
N THR A 773 -8.84 17.30 2.32
CA THR A 773 -10.16 17.51 2.88
C THR A 773 -11.02 18.36 1.97
N VAL A 774 -10.43 19.41 1.39
CA VAL A 774 -11.16 20.24 0.45
C VAL A 774 -11.52 19.44 -0.78
N SER A 775 -10.54 18.67 -1.29
CA SER A 775 -10.74 17.86 -2.48
C SER A 775 -11.89 16.89 -2.31
N ARG A 776 -12.04 16.33 -1.12
CA ARG A 776 -13.08 15.33 -0.88
C ARG A 776 -14.39 15.94 -0.40
N SER A 777 -14.45 17.26 -0.25
CA SER A 777 -15.65 17.94 0.26
C SER A 777 -16.85 17.71 -0.66
N ASP A 778 -18.00 17.39 -0.06
CA ASP A 778 -19.23 17.14 -0.82
C ASP A 778 -19.89 18.46 -1.20
N ARG A 779 -19.30 19.08 -2.21
CA ARG A 779 -19.66 20.42 -2.63
C ARG A 779 -20.20 20.37 -4.05
N LYS A 780 -21.34 21.02 -4.28
CA LYS A 780 -21.85 21.14 -5.64
C LYS A 780 -20.91 21.97 -6.50
N ASP A 781 -20.24 22.98 -5.92
CA ASP A 781 -19.24 23.79 -6.61
C ASP A 781 -17.83 23.20 -6.52
N ILE A 782 -17.67 21.87 -6.46
CA ILE A 782 -16.34 21.30 -6.25
C ILE A 782 -15.40 21.61 -7.41
N TYR A 783 -15.90 21.71 -8.65
CA TYR A 783 -15.01 22.01 -9.77
C TYR A 783 -14.46 23.42 -9.67
N GLU A 784 -15.31 24.36 -9.24
CA GLU A 784 -14.81 25.71 -9.03
C GLU A 784 -13.86 25.75 -7.85
N ILE A 785 -14.14 24.99 -6.80
CA ILE A 785 -13.21 24.90 -5.68
C ILE A 785 -11.87 24.34 -6.14
N LEU A 786 -11.86 23.30 -6.98
CA LEU A 786 -10.60 22.73 -7.42
C LEU A 786 -9.81 23.74 -8.24
N LYS A 787 -10.51 24.54 -9.04
CA LYS A 787 -9.86 25.62 -9.75
C LYS A 787 -9.21 26.58 -8.77
N LYS A 788 -9.91 26.91 -7.68
CA LYS A 788 -9.37 27.78 -6.64
C LYS A 788 -8.11 27.19 -6.03
N LEU A 789 -8.13 25.89 -5.73
CA LEU A 789 -6.94 25.23 -5.16
C LEU A 789 -5.78 25.30 -6.14
N GLU A 790 -6.05 25.05 -7.42
CA GLU A 790 -5.01 25.13 -8.44
C GLU A 790 -4.39 26.52 -8.50
N ASN A 791 -5.24 27.55 -8.55
CA ASN A 791 -4.75 28.91 -8.73
C ASN A 791 -4.11 29.46 -7.48
N GLU A 792 -4.61 29.10 -6.30
CA GLU A 792 -4.19 29.77 -5.09
C GLU A 792 -3.20 28.97 -4.23
N VAL A 793 -3.20 27.64 -4.32
CA VAL A 793 -2.37 26.82 -3.41
C VAL A 793 -1.42 25.90 -4.17
N LEU A 794 -1.97 25.03 -5.01
CA LEU A 794 -1.16 24.04 -5.70
C LEU A 794 -0.21 24.67 -6.70
N LYS A 795 -0.74 25.55 -7.56
CA LYS A 795 0.04 26.22 -8.59
C LYS A 795 0.83 25.21 -9.41
N ASP A 796 2.10 25.49 -9.69
CA ASP A 796 2.92 24.58 -10.49
C ASP A 796 3.79 23.67 -9.63
N SER A 797 3.36 23.35 -8.40
CA SER A 797 4.07 22.36 -7.61
C SER A 797 4.28 21.06 -8.38
N LYS A 798 5.50 20.53 -8.29
CA LYS A 798 5.81 19.19 -8.75
C LYS A 798 5.91 18.21 -7.60
N ASN A 799 5.52 18.65 -6.40
CA ASN A 799 5.51 17.75 -5.24
C ASN A 799 4.40 16.72 -5.39
N PRO A 800 4.72 15.43 -5.41
CA PRO A 800 3.66 14.42 -5.58
C PRO A 800 2.63 14.45 -4.49
N ASN A 801 3.03 14.71 -3.22
CA ASN A 801 2.04 14.82 -2.16
C ASN A 801 1.02 15.91 -2.47
N ASP A 802 1.46 17.00 -3.08
CA ASP A 802 0.55 18.12 -3.36
C ASP A 802 -0.42 17.74 -4.46
N ILE A 803 0.10 17.20 -5.58
CA ILE A 803 -0.74 16.83 -6.71
C ILE A 803 -1.74 15.74 -6.31
N ARG A 804 -1.25 14.70 -5.64
CA ARG A 804 -2.16 13.65 -5.18
C ARG A 804 -3.21 14.20 -4.23
N ALA A 805 -2.83 15.15 -3.35
CA ALA A 805 -3.79 15.64 -2.38
C ALA A 805 -4.92 16.42 -3.07
N VAL A 806 -4.57 17.20 -4.10
CA VAL A 806 -5.57 18.02 -4.76
C VAL A 806 -6.55 17.17 -5.53
N TYR A 807 -6.08 16.13 -6.20
CA TYR A 807 -6.90 15.49 -7.22
C TYR A 807 -7.47 14.13 -6.81
N LEU A 808 -6.73 13.29 -6.10
CA LEU A 808 -7.24 11.92 -5.92
C LEU A 808 -8.48 11.84 -5.01
N PRO A 809 -8.55 12.54 -3.87
CA PRO A 809 -9.78 12.42 -3.06
C PRO A 809 -11.03 12.79 -3.83
N PHE A 810 -10.94 13.84 -4.64
CA PHE A 810 -12.05 14.26 -5.50
C PHE A 810 -12.55 13.12 -6.39
N THR A 811 -11.66 12.23 -6.84
CA THR A 811 -12.11 11.17 -7.72
C THR A 811 -12.96 10.14 -7.01
N ASN A 812 -13.01 10.15 -5.68
CA ASN A 812 -13.99 9.32 -4.97
C ASN A 812 -15.36 9.98 -4.84
N ASN A 813 -15.54 11.19 -5.35
CA ASN A 813 -16.83 11.87 -5.34
C ASN A 813 -17.70 11.22 -6.40
N LEU A 814 -18.56 10.30 -5.97
CA LEU A 814 -19.33 9.48 -6.90
C LEU A 814 -20.18 10.33 -7.82
N ARG A 815 -20.91 11.31 -7.27
CA ARG A 815 -21.78 12.13 -8.10
C ARG A 815 -21.01 13.04 -9.04
N ARG A 816 -19.95 13.68 -8.54
CA ARG A 816 -19.35 14.77 -9.29
C ARG A 816 -18.16 14.35 -10.12
N PHE A 817 -17.30 13.45 -9.63
CA PHE A 817 -16.22 13.00 -10.48
C PHE A 817 -16.77 12.32 -11.73
N HIS A 818 -17.86 11.57 -11.58
CA HIS A 818 -18.49 10.86 -12.70
C HIS A 818 -19.59 11.67 -13.36
N ASP A 819 -19.53 13.00 -13.24
CA ASP A 819 -20.42 13.87 -13.99
C ASP A 819 -20.53 13.41 -15.43
N ILE A 820 -21.77 13.26 -15.90
CA ILE A 820 -22.04 12.63 -17.18
C ILE A 820 -21.48 13.42 -18.36
N SER A 821 -21.10 14.69 -18.15
CA SER A 821 -20.42 15.40 -19.22
C SER A 821 -19.03 14.86 -19.52
N GLY A 822 -18.48 14.06 -18.61
CA GLY A 822 -17.09 13.67 -18.69
C GLY A 822 -16.12 14.72 -18.20
N LYS A 823 -16.59 15.84 -17.61
CA LYS A 823 -15.65 16.91 -17.22
C LYS A 823 -14.66 16.44 -16.17
N GLY A 824 -15.07 15.53 -15.29
CA GLY A 824 -14.15 15.06 -14.27
C GLY A 824 -13.07 14.17 -14.85
N TYR A 825 -13.46 13.28 -15.77
CA TYR A 825 -12.49 12.45 -16.48
C TYR A 825 -11.50 13.29 -17.28
N LYS A 826 -12.00 14.30 -17.98
CA LYS A 826 -11.14 15.23 -18.72
C LYS A 826 -10.16 15.94 -17.79
N LEU A 827 -10.65 16.37 -16.62
CA LEU A 827 -9.79 17.04 -15.65
C LEU A 827 -8.64 16.14 -15.20
N ILE A 828 -8.95 14.93 -14.75
CA ILE A 828 -7.88 14.04 -14.26
C ILE A 828 -6.94 13.68 -15.40
N ALA A 829 -7.47 13.41 -16.59
CA ALA A 829 -6.62 13.09 -17.73
C ALA A 829 -5.65 14.24 -18.04
N GLU A 830 -6.13 15.48 -17.96
CA GLU A 830 -5.23 16.61 -18.18
C GLU A 830 -4.12 16.60 -17.14
N VAL A 831 -4.46 16.33 -15.88
CA VAL A 831 -3.46 16.29 -14.82
C VAL A 831 -2.47 15.13 -15.03
N ILE A 832 -2.97 13.97 -15.49
CA ILE A 832 -2.09 12.84 -15.77
C ILE A 832 -1.08 13.19 -16.85
N THR A 833 -1.57 13.75 -17.96
CA THR A 833 -0.68 14.08 -19.08
C THR A 833 0.32 15.15 -18.67
N LYS A 834 -0.13 16.17 -17.94
CA LYS A 834 0.79 17.19 -17.44
C LYS A 834 1.85 16.58 -16.51
N THR A 835 1.40 15.74 -15.56
CA THR A 835 2.34 15.14 -14.60
C THR A 835 3.31 14.19 -15.29
N ASP A 836 2.85 13.52 -16.34
CA ASP A 836 3.68 12.54 -17.04
C ASP A 836 4.93 13.17 -17.66
N LYS A 837 4.88 14.46 -17.98
CA LYS A 837 6.05 15.14 -18.54
C LYS A 837 7.22 15.16 -17.58
N PHE A 838 6.98 15.11 -16.26
CA PHE A 838 8.10 15.13 -15.33
C PHE A 838 8.15 13.96 -14.35
N ASN A 839 7.05 13.24 -14.14
CA ASN A 839 7.02 12.15 -13.16
C ASN A 839 6.09 11.06 -13.65
N PRO A 840 6.58 10.16 -14.50
CA PRO A 840 5.72 9.07 -15.01
C PRO A 840 5.14 8.18 -13.95
N MET A 841 5.85 7.90 -12.86
CA MET A 841 5.27 7.03 -11.86
C MET A 841 4.04 7.66 -11.23
N VAL A 842 4.14 8.96 -10.88
CA VAL A 842 3.00 9.61 -10.26
C VAL A 842 1.87 9.78 -11.28
N ALA A 843 2.21 9.99 -12.54
CA ALA A 843 1.17 10.03 -13.57
C ALA A 843 0.39 8.72 -13.62
N THR A 844 1.09 7.57 -13.44
CA THR A 844 0.31 6.33 -13.49
C THR A 844 -0.53 6.15 -12.23
N GLN A 845 -0.03 6.65 -11.09
CA GLN A 845 -0.84 6.65 -9.87
C GLN A 845 -2.10 7.49 -10.07
N LEU A 846 -1.97 8.58 -10.80
CA LEU A 846 -3.13 9.42 -11.00
C LEU A 846 -4.13 8.79 -11.95
N CYS A 847 -3.76 7.69 -12.63
CA CYS A 847 -4.68 6.94 -13.47
C CYS A 847 -5.66 6.09 -12.69
N GLU A 848 -5.48 5.96 -11.37
CA GLU A 848 -6.25 4.97 -10.64
C GLU A 848 -7.77 5.10 -10.80
N PRO A 849 -8.38 6.29 -10.92
CA PRO A 849 -9.85 6.31 -11.14
C PRO A 849 -10.28 5.57 -12.39
N PHE A 850 -9.43 5.51 -13.41
CA PHE A 850 -9.79 4.86 -14.65
C PHE A 850 -9.78 3.33 -14.52
N LYS A 851 -9.29 2.77 -13.43
CA LYS A 851 -9.16 1.32 -13.38
C LYS A 851 -10.49 0.59 -13.48
N LEU A 852 -11.60 1.24 -13.10
CA LEU A 852 -12.91 0.60 -13.21
C LEU A 852 -13.67 0.98 -14.48
N TRP A 853 -12.98 1.57 -15.48
CA TRP A 853 -13.68 2.20 -16.59
C TRP A 853 -14.69 1.28 -17.27
N ASN A 854 -14.34 0.02 -17.46
CA ASN A 854 -15.21 -0.88 -18.21
C ASN A 854 -16.30 -1.50 -17.34
N LYS A 855 -16.40 -1.09 -16.08
CA LYS A 855 -17.46 -1.55 -15.19
C LYS A 855 -18.63 -0.56 -15.12
N LEU A 856 -18.51 0.61 -15.74
CA LEU A 856 -19.52 1.64 -15.60
C LEU A 856 -20.58 1.49 -16.68
N ASP A 857 -21.64 2.31 -16.57
CA ASP A 857 -22.63 2.37 -17.62
C ASP A 857 -21.96 2.74 -18.94
N THR A 858 -22.62 2.37 -20.05
CA THR A 858 -21.94 2.43 -21.34
C THR A 858 -21.53 3.84 -21.71
N LYS A 859 -22.29 4.86 -21.31
CA LYS A 859 -21.87 6.20 -21.69
C LYS A 859 -20.60 6.61 -20.95
N ARG A 860 -20.48 6.27 -19.65
CA ARG A 860 -19.30 6.65 -18.92
C ARG A 860 -18.09 5.82 -19.34
N GLN A 861 -18.30 4.54 -19.70
CA GLN A 861 -17.27 3.74 -20.35
C GLN A 861 -16.68 4.48 -21.51
N GLU A 862 -17.55 4.93 -22.43
CA GLU A 862 -17.10 5.67 -23.60
C GLU A 862 -16.35 6.95 -23.22
N LEU A 863 -16.84 7.67 -22.23
CA LEU A 863 -16.19 8.93 -21.84
C LEU A 863 -14.79 8.67 -21.31
N MET A 864 -14.66 7.68 -20.42
CA MET A 864 -13.34 7.34 -19.86
C MET A 864 -12.40 6.83 -20.95
N LEU A 865 -12.91 5.93 -21.80
CA LEU A 865 -12.09 5.38 -22.88
C LEU A 865 -11.59 6.49 -23.79
N ASN A 866 -12.45 7.45 -24.14
CA ASN A 866 -11.99 8.58 -24.95
CA ASN A 866 -12.02 8.59 -24.94
C ASN A 866 -10.83 9.31 -24.29
N GLU A 867 -10.92 9.56 -22.97
CA GLU A 867 -9.81 10.26 -22.31
C GLU A 867 -8.56 9.40 -22.28
N MET A 868 -8.67 8.09 -22.01
CA MET A 868 -7.41 7.37 -22.04
C MET A 868 -6.88 7.21 -23.47
N ASN A 869 -7.75 7.11 -24.49
CA ASN A 869 -7.19 7.11 -25.84
C ASN A 869 -6.58 8.47 -26.17
N THR A 870 -7.15 9.55 -25.66
CA THR A 870 -6.52 10.85 -25.86
C THR A 870 -5.16 10.90 -25.15
N MET A 871 -5.07 10.34 -23.95
CA MET A 871 -3.78 10.32 -23.26
C MET A 871 -2.77 9.46 -24.00
N LEU A 872 -3.21 8.32 -24.57
CA LEU A 872 -2.29 7.45 -25.29
C LEU A 872 -1.76 8.09 -26.56
N GLN A 873 -2.44 9.10 -27.08
CA GLN A 873 -1.99 9.73 -28.30
C GLN A 873 -1.03 10.89 -28.06
N GLU A 874 -0.69 11.21 -26.79
CA GLU A 874 0.26 12.30 -26.57
C GLU A 874 1.63 11.89 -27.11
N PRO A 875 2.21 12.68 -28.00
CA PRO A 875 3.50 12.28 -28.57
C PRO A 875 4.56 12.01 -27.51
N GLN A 876 4.51 12.68 -26.37
CA GLN A 876 5.61 12.60 -25.43
C GLN A 876 5.37 11.59 -24.30
N ILE A 877 4.31 10.78 -24.41
CA ILE A 877 3.94 9.89 -23.33
C ILE A 877 5.10 9.00 -22.90
N SER A 878 5.24 8.83 -21.59
CA SER A 878 6.30 7.99 -21.05
C SER A 878 6.02 6.51 -21.35
N ASN A 879 7.08 5.70 -21.28
CA ASN A 879 6.90 4.26 -21.37
C ASN A 879 5.98 3.77 -20.26
N ASN A 880 6.13 4.29 -19.04
CA ASN A 880 5.31 3.81 -17.93
C ASN A 880 3.85 4.06 -18.20
N LEU A 881 3.51 5.28 -18.61
CA LEU A 881 2.10 5.60 -18.76
C LEU A 881 1.50 4.86 -19.94
N LYS A 882 2.23 4.83 -21.06
CA LYS A 882 1.76 4.14 -22.25
C LYS A 882 1.47 2.69 -21.96
N GLU A 883 2.39 2.01 -21.26
CA GLU A 883 2.18 0.58 -20.99
C GLU A 883 0.98 0.39 -20.08
N TYR A 884 0.82 1.26 -19.08
CA TYR A 884 -0.31 1.18 -18.18
C TYR A 884 -1.63 1.35 -18.92
N LEU A 885 -1.74 2.40 -19.74
CA LEU A 885 -2.99 2.66 -20.43
C LEU A 885 -3.27 1.63 -21.52
N LEU A 886 -2.23 1.13 -22.18
CA LEU A 886 -2.42 0.07 -23.18
C LEU A 886 -2.99 -1.19 -22.52
N ARG A 887 -2.44 -1.58 -21.37
CA ARG A 887 -2.97 -2.74 -20.66
C ARG A 887 -4.37 -2.46 -20.12
N LEU A 888 -4.60 -1.26 -19.55
CA LEU A 888 -5.90 -0.97 -18.96
C LEU A 888 -7.00 -0.92 -20.03
N THR A 889 -6.68 -0.46 -21.25
CA THR A 889 -7.66 -0.38 -22.33
C THR A 889 -7.63 -1.58 -23.23
N ASN A 890 -7.01 -2.68 -22.80
CA ASN A 890 -7.06 -3.93 -23.57
C ASN A 890 -6.53 -3.75 -25.00
N LYS A 891 -5.60 -2.84 -25.20
CA LYS A 891 -5.07 -2.56 -26.54
C LYS A 891 -3.66 -3.14 -26.68
#